data_7AQX
#
_entry.id   7AQX
#
_cell.length_a   94.088
_cell.length_b   95.565
_cell.length_c   123.721
_cell.angle_alpha   90.000
_cell.angle_beta   90.000
_cell.angle_gamma   90.000
#
_symmetry.space_group_name_H-M   'P 21 21 21'
#
loop_
_entity.id
_entity.type
_entity.pdbx_description
1 polymer 'Variant surface glycoprotein MITAT 1.2'
2 polymer 'Nanobody VSG2(NB9)'
3 branched beta-D-mannopyranose-(1-4)-2-acetamido-2-deoxy-beta-D-glucopyranose-(1-4)-2-acetamido-2-deoxy-beta-D-glucopyranose
4 branched alpha-D-mannopyranose-(1-3)-beta-D-mannopyranose-(1-4)-2-acetamido-2-deoxy-beta-D-glucopyranose-(1-4)-2-acetamido-2-deoxy-beta-D-glucopyranose
5 non-polymer 'CITRIC ACID'
6 non-polymer 'SODIUM ION'
7 water water
#
loop_
_entity_poly.entity_id
_entity_poly.type
_entity_poly.pdbx_seq_one_letter_code
_entity_poly.pdbx_strand_id
1 'polypeptide(L)'
;AAEKGFKQAFWQPLCQVSEELDDQPKGALFTLQAAASKIQKMRDAALRASIYAEINHGTNRAKAAVIVANHYAMKADSGL
EALKQTLSSQEVTATATASYLKGRIDEYLNLLLQTKESGTSGCMMDTSGTNTVTKAGGTIGGVPCKLQLSPIQPKRPAAT
YLGKAGYVGLTRQADAANNFHDNDAECRLASGHNTNGLGKSGQLSAAVTMAAGYVTVANSQTAVTVQALDALQEASGAAH
QPWIDAWKAKKALTGAETAEFRNETAGIAGKTGVTKLVEEALLKKKDSEASEIQTELKKYFSGHENEQWTAIEKLISEQP
VAQNLVGDNQPTKLGELEGNAKLTTILAYYRMETAGKFEVLTQK
;
A,B
2 'polypeptide(L)'
;QVQLQESGGGLVQAGGSLRLSCTTSGLTFSNYAFSWFRQAPGEEREFVGAISWSGGRTDYADSVKGRFTISRDNAKNTFY
LQMNSLKTEDTAVYYCAADLLGEGSRRSEYEYWGQGTQVTVSSAAAYPYDVPDYGSHHHHHH
;
C,D
#
loop_
_chem_comp.id
_chem_comp.type
_chem_comp.name
_chem_comp.formula
BMA D-saccharide, beta linking beta-D-mannopyranose 'C6 H12 O6'
CIT non-polymer 'CITRIC ACID' 'C6 H8 O7'
MAN D-saccharide, alpha linking alpha-D-mannopyranose 'C6 H12 O6'
NA non-polymer 'SODIUM ION' 'Na 1'
NAG D-saccharide, beta linking 2-acetamido-2-deoxy-beta-D-glucopyranose 'C8 H15 N O6'
#
# COMPACT_ATOMS: atom_id res chain seq x y z
N ALA A 1 -21.32 35.11 23.55
CA ALA A 1 -21.16 35.01 24.99
C ALA A 1 -20.74 33.62 25.40
N ALA A 2 -20.01 33.50 26.50
CA ALA A 2 -19.61 32.20 27.01
C ALA A 2 -20.84 31.33 27.23
N GLU A 3 -20.65 30.02 27.03
CA GLU A 3 -21.63 28.97 27.31
C GLU A 3 -22.77 28.90 26.31
N LYS A 4 -22.64 29.52 25.14
CA LYS A 4 -23.67 29.48 24.12
C LYS A 4 -23.21 28.63 22.93
N GLY A 5 -24.17 28.27 22.08
CA GLY A 5 -23.87 27.44 20.92
C GLY A 5 -22.93 28.09 19.94
N PHE A 6 -22.41 27.28 19.01
CA PHE A 6 -21.27 27.62 18.18
C PHE A 6 -21.70 28.08 16.78
N LYS A 7 -21.28 29.29 16.42
CA LYS A 7 -21.56 29.82 15.10
C LYS A 7 -20.65 29.18 14.05
N GLN A 8 -20.97 29.44 12.79
CA GLN A 8 -20.34 28.72 11.68
C GLN A 8 -18.83 28.93 11.63
N ALA A 9 -18.34 30.09 12.08
CA ALA A 9 -16.89 30.33 12.07
C ALA A 9 -16.15 29.29 12.89
N PHE A 10 -16.83 28.68 13.87
CA PHE A 10 -16.17 27.66 14.69
C PHE A 10 -16.12 26.32 13.97
N TRP A 11 -17.26 25.87 13.45
CA TRP A 11 -17.35 24.49 12.96
C TRP A 11 -17.06 24.34 11.47
N GLN A 12 -17.27 25.37 10.66
CA GLN A 12 -16.95 25.23 9.24
C GLN A 12 -15.50 24.85 8.98
N PRO A 13 -14.50 25.41 9.67
CA PRO A 13 -13.13 24.96 9.42
C PRO A 13 -12.93 23.51 9.77
N LEU A 14 -13.70 22.99 10.73
CA LEU A 14 -13.60 21.57 11.07
C LEU A 14 -14.21 20.70 9.97
N CYS A 15 -15.34 21.14 9.40
CA CYS A 15 -15.90 20.46 8.22
C CYS A 15 -14.91 20.43 7.08
N GLN A 16 -14.21 21.55 6.84
CA GLN A 16 -13.26 21.59 5.73
C GLN A 16 -12.16 20.56 5.92
N VAL A 17 -11.63 20.45 7.15
CA VAL A 17 -10.61 19.46 7.43
C VAL A 17 -11.18 18.05 7.26
N SER A 18 -12.35 17.80 7.83
CA SER A 18 -12.99 16.50 7.71
C SER A 18 -13.15 16.06 6.26
N GLU A 19 -13.60 16.96 5.40
CA GLU A 19 -13.79 16.60 4.00
C GLU A 19 -12.47 16.35 3.29
N GLU A 20 -11.41 17.05 3.69
CA GLU A 20 -10.12 16.81 3.07
C GLU A 20 -9.49 15.52 3.57
N LEU A 21 -9.67 15.21 4.86
CA LEU A 21 -9.17 13.94 5.37
C LEU A 21 -9.84 12.77 4.67
N ASP A 22 -11.11 12.94 4.26
CA ASP A 22 -11.85 11.91 3.54
C ASP A 22 -11.13 11.51 2.25
N ASP A 23 -10.31 12.40 1.70
CA ASP A 23 -9.61 12.11 0.47
C ASP A 23 -8.27 11.42 0.67
N GLN A 24 -7.77 11.35 1.91
CA GLN A 24 -6.50 10.68 2.14
C GLN A 24 -6.49 9.21 1.73
N PRO A 25 -7.51 8.40 2.04
CA PRO A 25 -7.49 7.01 1.55
C PRO A 25 -7.56 6.93 0.04
N LYS A 26 -8.28 7.86 -0.58
CA LYS A 26 -8.33 7.89 -2.03
C LYS A 26 -6.95 8.18 -2.62
N GLY A 27 -6.19 9.08 -2.00
CA GLY A 27 -4.87 9.38 -2.48
C GLY A 27 -3.88 8.27 -2.22
N ALA A 28 -4.05 7.56 -1.10
CA ALA A 28 -3.22 6.39 -0.84
C ALA A 28 -3.44 5.33 -1.91
N LEU A 29 -4.69 5.06 -2.26
CA LEU A 29 -4.94 4.08 -3.30
C LEU A 29 -4.37 4.53 -4.63
N PHE A 30 -4.57 5.81 -4.97
CA PHE A 30 -4.00 6.37 -6.19
C PHE A 30 -2.49 6.18 -6.24
N THR A 31 -1.79 6.45 -5.13
CA THR A 31 -0.34 6.37 -5.13
C THR A 31 0.15 4.93 -5.21
N LEU A 32 -0.47 4.03 -4.44
CA LEU A 32 -0.08 2.62 -4.51
C LEU A 32 -0.28 2.06 -5.91
N GLN A 33 -1.39 2.43 -6.56
CA GLN A 33 -1.64 1.96 -7.93
C GLN A 33 -0.69 2.61 -8.92
N ALA A 34 -0.37 3.89 -8.72
CA ALA A 34 0.58 4.57 -9.60
C ALA A 34 1.96 3.94 -9.50
N ALA A 35 2.38 3.58 -8.29
CA ALA A 35 3.66 2.93 -8.11
C ALA A 35 3.71 1.61 -8.86
N ALA A 36 2.67 0.79 -8.70
CA ALA A 36 2.64 -0.48 -9.43
C ALA A 36 2.61 -0.26 -10.94
N SER A 37 1.84 0.73 -11.40
CA SER A 37 1.76 0.99 -12.83
CA SER A 37 1.76 0.99 -12.84
C SER A 37 3.12 1.40 -13.39
N LYS A 38 3.88 2.21 -12.63
CA LYS A 38 5.19 2.64 -13.10
C LYS A 38 6.18 1.48 -13.10
N ILE A 39 6.12 0.63 -12.08
CA ILE A 39 6.95 -0.57 -12.08
C ILE A 39 6.62 -1.40 -13.30
N GLN A 40 5.33 -1.54 -13.62
CA GLN A 40 4.93 -2.35 -14.77
C GLN A 40 5.44 -1.75 -16.07
N LYS A 41 5.47 -0.41 -16.16
CA LYS A 41 6.01 0.22 -17.37
C LYS A 41 7.51 -0.02 -17.50
N MET A 42 8.23 0.01 -16.37
CA MET A 42 9.66 -0.31 -16.43
C MET A 42 9.86 -1.76 -16.85
N ARG A 43 9.05 -2.67 -16.29
CA ARG A 43 9.19 -4.08 -16.64
C ARG A 43 8.87 -4.31 -18.12
N ASP A 44 7.83 -3.64 -18.64
CA ASP A 44 7.52 -3.77 -20.05
C ASP A 44 8.70 -3.34 -20.91
N ALA A 45 9.33 -2.21 -20.58
CA ALA A 45 10.48 -1.77 -21.35
C ALA A 45 11.63 -2.77 -21.24
N ALA A 46 11.84 -3.33 -20.04
CA ALA A 46 12.86 -4.37 -19.89
C ALA A 46 12.55 -5.56 -20.77
N LEU A 47 11.28 -5.97 -20.82
CA LEU A 47 10.90 -7.14 -21.60
C LEU A 47 11.02 -6.88 -23.10
N ARG A 48 10.62 -5.69 -23.57
CA ARG A 48 10.81 -5.38 -24.98
C ARG A 48 12.29 -5.44 -25.36
N ALA A 49 13.14 -4.84 -24.55
CA ALA A 49 14.57 -4.87 -24.84
C ALA A 49 15.12 -6.30 -24.79
N SER A 50 14.67 -7.10 -23.83
CA SER A 50 15.10 -8.50 -23.74
C SER A 50 14.68 -9.28 -24.98
N ILE A 51 13.44 -9.06 -25.45
CA ILE A 51 12.96 -9.76 -26.63
C ILE A 51 13.78 -9.36 -27.85
N TYR A 52 14.02 -8.05 -28.01
CA TYR A 52 14.86 -7.58 -29.10
C TYR A 52 16.23 -8.26 -29.08
N ALA A 53 16.83 -8.40 -27.90
CA ALA A 53 18.15 -9.01 -27.80
C ALA A 53 18.12 -10.49 -28.19
N GLU A 54 17.04 -11.20 -27.87
CA GLU A 54 16.91 -12.60 -28.33
C GLU A 54 16.75 -12.67 -29.85
N ILE A 55 15.92 -11.80 -30.42
CA ILE A 55 15.69 -11.86 -31.87
C ILE A 55 16.95 -11.52 -32.64
N ASN A 56 17.70 -10.54 -32.15
CA ASN A 56 18.87 -10.01 -32.85
C ASN A 56 20.18 -10.53 -32.29
N HIS A 57 20.19 -11.77 -31.81
CA HIS A 57 21.34 -12.30 -31.09
C HIS A 57 22.62 -12.16 -31.90
N GLY A 58 23.71 -11.93 -31.20
CA GLY A 58 25.02 -11.87 -31.82
C GLY A 58 25.38 -10.56 -32.48
N THR A 59 24.62 -9.49 -32.24
CA THR A 59 24.90 -8.21 -32.86
C THR A 59 25.21 -7.17 -31.77
N ASN A 60 25.90 -6.11 -32.19
CA ASN A 60 26.16 -5.02 -31.26
C ASN A 60 24.85 -4.37 -30.80
N ARG A 61 23.86 -4.30 -31.69
CA ARG A 61 22.55 -3.80 -31.29
C ARG A 61 21.94 -4.65 -30.18
N ALA A 62 22.11 -5.97 -30.26
CA ALA A 62 21.59 -6.84 -29.21
C ALA A 62 22.29 -6.59 -27.89
N LYS A 63 23.60 -6.35 -27.92
CA LYS A 63 24.33 -6.06 -26.69
C LYS A 63 23.88 -4.74 -26.09
N ALA A 64 23.63 -3.72 -26.93
CA ALA A 64 23.00 -2.50 -26.43
C ALA A 64 21.66 -2.82 -25.77
N ALA A 65 20.85 -3.66 -26.40
CA ALA A 65 19.54 -4.00 -25.84
C ALA A 65 19.65 -4.75 -24.51
N VAL A 66 20.70 -5.57 -24.33
CA VAL A 66 20.91 -6.22 -23.03
C VAL A 66 21.19 -5.17 -21.96
N ILE A 67 21.95 -4.12 -22.30
CA ILE A 67 22.21 -3.02 -21.37
C ILE A 67 20.91 -2.26 -21.06
N VAL A 68 20.10 -1.99 -22.08
CA VAL A 68 18.81 -1.33 -21.87
C VAL A 68 17.91 -2.19 -20.98
N ALA A 69 17.83 -3.49 -21.28
CA ALA A 69 16.98 -4.38 -20.50
C ALA A 69 17.42 -4.40 -19.04
N ASN A 70 18.72 -4.48 -18.79
CA ASN A 70 19.22 -4.50 -17.43
C ASN A 70 18.84 -3.23 -16.70
N HIS A 71 18.98 -2.07 -17.37
CA HIS A 71 18.58 -0.80 -16.77
C HIS A 71 17.13 -0.84 -16.32
N TYR A 72 16.22 -1.22 -17.22
CA TYR A 72 14.81 -1.13 -16.87
C TYR A 72 14.41 -2.19 -15.87
N ALA A 73 15.03 -3.37 -15.93
CA ALA A 73 14.74 -4.41 -14.95
C ALA A 73 15.19 -3.99 -13.56
N MET A 74 16.37 -3.36 -13.45
CA MET A 74 16.82 -2.83 -12.17
C MET A 74 15.87 -1.76 -11.63
N LYS A 75 15.36 -0.89 -12.52
CA LYS A 75 14.39 0.09 -12.06
C LYS A 75 13.10 -0.57 -11.57
N ALA A 76 12.60 -1.56 -12.32
CA ALA A 76 11.41 -2.26 -11.88
C ALA A 76 11.65 -2.97 -10.55
N ASP A 77 12.82 -3.61 -10.40
CA ASP A 77 13.18 -4.27 -9.14
C ASP A 77 13.21 -3.27 -7.99
N SER A 78 13.91 -2.14 -8.20
CA SER A 78 14.05 -1.17 -7.11
C SER A 78 12.71 -0.52 -6.79
N GLY A 79 11.85 -0.34 -7.79
CA GLY A 79 10.54 0.23 -7.53
C GLY A 79 9.68 -0.67 -6.66
N LEU A 80 9.72 -1.98 -6.92
CA LEU A 80 8.98 -2.91 -6.08
C LEU A 80 9.53 -2.92 -4.65
N GLU A 81 10.86 -2.83 -4.49
CA GLU A 81 11.43 -2.75 -3.16
C GLU A 81 11.02 -1.45 -2.46
N ALA A 82 10.96 -0.33 -3.18
CA ALA A 82 10.49 0.91 -2.57
C ALA A 82 9.00 0.83 -2.22
N LEU A 83 8.20 0.22 -3.10
CA LEU A 83 6.79 0.02 -2.78
C LEU A 83 6.65 -0.78 -1.49
N LYS A 84 7.48 -1.82 -1.33
CA LYS A 84 7.39 -2.66 -0.14
C LYS A 84 7.85 -1.92 1.11
N GLN A 85 9.03 -1.31 1.06
CA GLN A 85 9.68 -0.79 2.27
C GLN A 85 9.16 0.58 2.67
N THR A 86 8.84 1.43 1.70
CA THR A 86 8.62 2.84 1.96
C THR A 86 7.20 3.28 1.64
N LEU A 87 6.72 3.04 0.42
CA LEU A 87 5.42 3.59 0.07
C LEU A 87 4.30 2.91 0.84
N SER A 88 4.37 1.58 1.00
CA SER A 88 3.29 0.91 1.71
C SER A 88 3.12 1.46 3.11
N SER A 89 4.23 1.64 3.85
CA SER A 89 4.12 2.18 5.20
C SER A 89 3.65 3.63 5.18
N GLN A 90 4.18 4.44 4.26
CA GLN A 90 3.75 5.84 4.18
C GLN A 90 2.24 5.92 3.97
N GLU A 91 1.72 5.13 3.03
CA GLU A 91 0.33 5.31 2.64
C GLU A 91 -0.62 4.68 3.65
N VAL A 92 -0.24 3.55 4.25
CA VAL A 92 -1.06 3.00 5.34
C VAL A 92 -1.11 3.98 6.51
N THR A 93 0.04 4.57 6.86
CA THR A 93 0.08 5.50 7.99
C THR A 93 -0.72 6.77 7.71
N ALA A 94 -0.61 7.30 6.50
CA ALA A 94 -1.40 8.48 6.16
C ALA A 94 -2.89 8.16 6.15
N THR A 95 -3.26 7.01 5.58
CA THR A 95 -4.67 6.60 5.57
C THR A 95 -5.21 6.44 6.99
N ALA A 96 -4.45 5.75 7.85
CA ALA A 96 -4.95 5.47 9.20
C ALA A 96 -5.04 6.75 10.02
N THR A 97 -3.97 7.58 9.99
CA THR A 97 -3.99 8.77 10.84
C THR A 97 -5.05 9.76 10.39
N ALA A 98 -5.20 9.93 9.07
CA ALA A 98 -6.22 10.84 8.57
C ALA A 98 -7.61 10.34 8.89
N SER A 99 -7.85 9.03 8.70
CA SER A 99 -9.18 8.48 8.92
C SER A 99 -9.55 8.49 10.40
N TYR A 100 -8.58 8.20 11.26
CA TYR A 100 -8.80 8.25 12.70
C TYR A 100 -9.14 9.66 13.14
N LEU A 101 -8.34 10.64 12.71
CA LEU A 101 -8.62 12.03 13.05
C LEU A 101 -9.99 12.46 12.52
N LYS A 102 -10.31 12.02 11.30
CA LYS A 102 -11.62 12.36 10.74
C LYS A 102 -12.75 11.79 11.58
N GLY A 103 -12.58 10.56 12.07
CA GLY A 103 -13.58 9.99 12.97
C GLY A 103 -13.74 10.79 14.25
N ARG A 104 -12.63 11.24 14.82
CA ARG A 104 -12.72 12.08 16.04
C ARG A 104 -13.46 13.37 15.74
N ILE A 105 -13.12 14.03 14.64
CA ILE A 105 -13.79 15.27 14.29
C ILE A 105 -15.27 15.02 14.02
N ASP A 106 -15.57 13.98 13.24
CA ASP A 106 -16.94 13.80 12.79
C ASP A 106 -17.86 13.42 13.94
N GLU A 107 -17.35 12.65 14.91
CA GLU A 107 -18.18 12.32 16.06
C GLU A 107 -18.50 13.58 16.86
N TYR A 108 -17.54 14.50 16.97
CA TYR A 108 -17.79 15.76 17.68
C TYR A 108 -18.80 16.63 16.92
N LEU A 109 -18.58 16.80 15.61
CA LEU A 109 -19.48 17.65 14.83
C LEU A 109 -20.89 17.06 14.81
N ASN A 110 -20.99 15.74 14.70
CA ASN A 110 -22.31 15.11 14.67
C ASN A 110 -23.02 15.29 16.00
N LEU A 111 -22.27 15.34 17.11
CA LEU A 111 -22.88 15.63 18.40
C LEU A 111 -23.43 17.05 18.43
N LEU A 112 -22.63 18.03 18.01
CA LEU A 112 -23.12 19.40 17.97
C LEU A 112 -24.36 19.51 17.10
N LEU A 113 -24.32 18.86 15.92
CA LEU A 113 -25.41 18.94 14.96
C LEU A 113 -26.74 18.49 15.58
N GLN A 114 -26.70 17.44 16.41
CA GLN A 114 -27.92 16.87 16.97
C GLN A 114 -28.34 17.52 18.27
N THR A 115 -27.43 18.22 18.95
CA THR A 115 -27.74 18.77 20.27
C THR A 115 -28.37 20.15 20.09
N LYS A 116 -29.69 20.15 19.86
CA LYS A 116 -30.42 21.40 19.67
C LYS A 116 -31.80 21.25 20.28
N GLU A 117 -32.39 22.38 20.66
CA GLU A 117 -33.75 22.41 21.20
C GLU A 117 -34.78 22.96 20.22
N SER A 118 -34.37 23.71 19.22
CA SER A 118 -35.31 24.36 18.30
C SER A 118 -34.54 24.81 17.07
N GLY A 119 -35.26 25.42 16.13
CA GLY A 119 -34.62 25.99 14.96
C GLY A 119 -33.80 27.23 15.22
N THR A 120 -33.82 27.75 16.45
CA THR A 120 -33.06 28.95 16.79
C THR A 120 -32.13 28.77 17.98
N SER A 121 -32.14 27.61 18.63
CA SER A 121 -31.31 27.42 19.81
C SER A 121 -30.71 26.02 19.77
N GLY A 122 -29.39 25.95 19.71
CA GLY A 122 -28.70 24.67 19.69
C GLY A 122 -27.21 24.88 19.65
N CYS A 123 -26.50 23.76 19.57
CA CYS A 123 -25.05 23.78 19.66
C CYS A 123 -24.39 24.17 18.34
N MET A 124 -25.08 23.99 17.22
CA MET A 124 -24.47 24.21 15.90
C MET A 124 -25.32 25.25 15.17
N MET A 125 -24.80 26.48 15.12
CA MET A 125 -25.55 27.62 14.60
C MET A 125 -24.94 28.10 13.28
N ASP A 126 -25.76 28.84 12.53
CA ASP A 126 -25.34 29.37 11.24
C ASP A 126 -24.36 30.53 11.42
N THR A 127 -24.02 31.20 10.32
CA THR A 127 -22.98 32.23 10.36
C THR A 127 -23.32 33.36 11.33
N SER A 128 -24.60 33.76 11.37
CA SER A 128 -25.01 34.91 12.16
C SER A 128 -25.50 34.54 13.55
N GLY A 129 -25.62 33.25 13.87
CA GLY A 129 -26.22 32.87 15.12
C GLY A 129 -27.73 33.04 15.15
N THR A 130 -28.38 32.93 13.99
CA THR A 130 -29.83 33.09 13.95
C THR A 130 -30.55 31.73 14.05
N ASN A 131 -30.15 30.78 13.22
CA ASN A 131 -30.79 29.47 13.17
C ASN A 131 -29.80 28.37 13.48
N THR A 132 -30.29 27.29 14.07
CA THR A 132 -29.52 26.06 14.08
C THR A 132 -29.47 25.51 12.66
N VAL A 133 -28.42 24.75 12.36
CA VAL A 133 -28.22 24.21 11.03
C VAL A 133 -28.74 22.78 10.97
N THR A 134 -28.99 22.34 9.74
CA THR A 134 -29.45 20.97 9.49
C THR A 134 -28.61 20.36 8.39
N LYS A 135 -28.52 19.04 8.42
CA LYS A 135 -27.74 18.30 7.45
C LYS A 135 -28.69 17.80 6.36
N ALA A 136 -28.36 18.09 5.12
CA ALA A 136 -29.14 17.64 3.96
C ALA A 136 -28.17 17.28 2.86
N GLY A 137 -28.31 16.08 2.32
CA GLY A 137 -27.27 15.57 1.45
C GLY A 137 -25.97 15.50 2.21
N GLY A 138 -24.88 15.84 1.54
CA GLY A 138 -23.62 15.89 2.22
C GLY A 138 -23.25 17.28 2.70
N THR A 139 -24.24 18.11 3.03
CA THR A 139 -23.98 19.49 3.42
C THR A 139 -24.67 19.83 4.74
N ILE A 140 -24.05 20.73 5.48
CA ILE A 140 -24.61 21.26 6.71
C ILE A 140 -24.66 22.77 6.55
N GLY A 141 -25.86 23.32 6.51
CA GLY A 141 -26.01 24.76 6.23
C GLY A 141 -25.24 25.21 5.00
N GLY A 142 -25.26 24.38 3.95
CA GLY A 142 -24.53 24.70 2.73
C GLY A 142 -23.06 24.34 2.74
N VAL A 143 -22.49 24.02 3.89
CA VAL A 143 -21.07 23.68 3.99
C VAL A 143 -20.90 22.20 3.63
N PRO A 144 -20.01 21.84 2.72
CA PRO A 144 -19.71 20.41 2.52
C PRO A 144 -19.24 19.80 3.83
N CYS A 145 -19.97 18.79 4.28
CA CYS A 145 -19.72 18.22 5.60
C CYS A 145 -20.53 16.94 5.69
N LYS A 146 -19.99 15.85 5.14
CA LYS A 146 -20.76 14.61 5.05
C LYS A 146 -20.86 13.87 6.38
N LEU A 147 -19.88 14.07 7.26
CA LEU A 147 -19.78 13.34 8.53
C LEU A 147 -19.80 11.83 8.32
N GLN A 148 -19.18 11.39 7.23
CA GLN A 148 -19.09 9.98 6.88
C GLN A 148 -17.81 9.82 6.08
N LEU A 149 -17.27 8.60 6.11
CA LEU A 149 -16.17 8.25 5.23
C LEU A 149 -16.75 7.77 3.91
N SER A 150 -16.38 8.44 2.82
CA SER A 150 -16.93 8.14 1.51
C SER A 150 -16.35 6.84 0.98
N PRO A 151 -17.07 6.18 0.08
CA PRO A 151 -16.49 5.02 -0.61
C PRO A 151 -15.17 5.38 -1.26
N ILE A 152 -14.24 4.44 -1.24
CA ILE A 152 -12.87 4.71 -1.65
C ILE A 152 -12.69 4.34 -3.11
N GLN A 153 -12.33 5.33 -3.91
CA GLN A 153 -11.88 5.21 -5.29
C GLN A 153 -10.62 6.05 -5.38
N PRO A 154 -9.72 5.77 -6.32
CA PRO A 154 -8.48 6.54 -6.37
C PRO A 154 -8.75 7.98 -6.77
N LYS A 155 -8.04 8.89 -6.11
CA LYS A 155 -8.13 10.32 -6.41
C LYS A 155 -6.75 10.91 -6.18
N ARG A 156 -6.27 11.69 -7.13
CA ARG A 156 -4.93 12.22 -7.05
C ARG A 156 -4.76 13.03 -5.76
N PRO A 157 -3.69 12.80 -5.01
CA PRO A 157 -3.47 13.55 -3.76
C PRO A 157 -3.44 15.05 -4.01
N ALA A 158 -4.02 15.78 -3.05
CA ALA A 158 -3.97 17.24 -3.06
C ALA A 158 -3.89 17.70 -1.62
N ALA A 159 -3.62 18.99 -1.45
CA ALA A 159 -3.55 19.56 -0.12
C ALA A 159 -4.03 20.99 -0.19
N THR A 160 -5.08 21.30 0.59
CA THR A 160 -5.58 22.67 0.69
C THR A 160 -5.74 23.05 2.15
N TYR A 161 -6.53 22.28 2.89
CA TYR A 161 -6.82 22.60 4.28
C TYR A 161 -5.83 21.97 5.24
N LEU A 162 -5.11 20.94 4.81
CA LEU A 162 -4.02 20.35 5.61
C LEU A 162 -2.81 20.29 4.70
N GLY A 163 -1.81 21.11 4.99
CA GLY A 163 -0.64 21.23 4.14
C GLY A 163 0.66 21.12 4.90
N LYS A 164 1.75 21.58 4.28
CA LYS A 164 3.08 21.39 4.85
C LYS A 164 3.20 22.02 6.23
N ALA A 165 2.56 23.17 6.45
CA ALA A 165 2.71 23.86 7.72
C ALA A 165 1.71 23.44 8.78
N GLY A 166 0.60 22.83 8.37
CA GLY A 166 -0.45 22.48 9.30
C GLY A 166 -1.84 22.71 8.74
N TYR A 167 -2.79 22.99 9.62
CA TYR A 167 -4.20 23.12 9.26
C TYR A 167 -4.49 24.61 9.09
N VAL A 168 -4.56 25.05 7.84
CA VAL A 168 -4.54 26.48 7.50
C VAL A 168 -5.68 27.24 8.16
N GLY A 169 -6.85 26.61 8.30
CA GLY A 169 -8.03 27.29 8.81
C GLY A 169 -8.17 27.27 10.30
N LEU A 170 -7.30 26.52 10.98
CA LEU A 170 -7.38 26.37 12.44
C LEU A 170 -6.34 27.29 13.10
N THR A 171 -6.65 28.58 13.04
CA THR A 171 -5.77 29.63 13.53
C THR A 171 -6.09 29.98 14.97
N ARG A 172 -5.19 30.77 15.57
CA ARG A 172 -5.47 31.33 16.88
C ARG A 172 -6.75 32.16 16.83
N GLN A 173 -7.60 31.99 17.84
CA GLN A 173 -8.84 32.75 17.95
C GLN A 173 -8.70 33.70 19.13
N ALA A 174 -8.70 35.00 18.84
CA ALA A 174 -8.49 36.00 19.88
C ALA A 174 -9.78 36.39 20.61
N ASP A 175 -10.94 36.06 20.06
CA ASP A 175 -12.20 36.48 20.67
C ASP A 175 -13.26 35.40 20.48
N ALA A 176 -13.02 34.23 21.08
CA ALA A 176 -13.96 33.12 20.96
C ALA A 176 -15.34 33.50 21.49
N ALA A 177 -15.40 34.29 22.56
CA ALA A 177 -16.70 34.65 23.14
C ALA A 177 -17.62 35.30 22.12
N ASN A 178 -17.07 36.06 21.18
CA ASN A 178 -17.89 36.77 20.21
C ASN A 178 -17.88 36.14 18.82
N ASN A 179 -16.79 35.49 18.43
CA ASN A 179 -16.66 34.96 17.08
C ASN A 179 -17.08 33.49 16.98
N PHE A 180 -16.90 32.72 18.05
CA PHE A 180 -17.32 31.32 18.08
C PHE A 180 -18.67 31.16 18.74
N HIS A 181 -18.86 31.72 19.93
CA HIS A 181 -20.10 31.55 20.67
C HIS A 181 -21.16 32.55 20.23
N ASP A 182 -22.39 32.07 20.11
CA ASP A 182 -23.53 32.93 19.84
C ASP A 182 -23.86 33.75 21.08
N ASN A 183 -24.80 34.67 20.94
CA ASN A 183 -25.28 35.44 22.07
C ASN A 183 -26.41 34.74 22.83
N ASP A 184 -27.21 33.91 22.15
CA ASP A 184 -28.48 33.43 22.68
C ASP A 184 -28.61 31.92 22.71
N ALA A 185 -28.09 31.23 21.69
CA ALA A 185 -28.37 29.81 21.52
C ALA A 185 -27.81 29.01 22.69
N GLU A 186 -28.64 28.14 23.25
CA GLU A 186 -28.22 27.35 24.41
C GLU A 186 -27.55 26.05 23.97
N CYS A 187 -26.51 25.65 24.72
CA CYS A 187 -25.72 24.49 24.33
C CYS A 187 -24.91 24.04 25.54
N ARG A 188 -25.33 22.93 26.16
CA ARG A 188 -24.62 22.44 27.33
C ARG A 188 -23.23 21.93 27.02
N LEU A 189 -22.93 21.66 25.75
CA LEU A 189 -21.60 21.22 25.34
C LEU A 189 -20.58 22.35 25.30
N ALA A 190 -20.99 23.58 25.59
CA ALA A 190 -20.07 24.72 25.52
C ALA A 190 -19.39 25.03 26.85
N SER A 191 -19.77 24.36 27.94
CA SER A 191 -19.06 24.56 29.20
C SER A 191 -19.25 23.33 30.09
N GLY A 192 -18.40 23.24 31.11
CA GLY A 192 -18.49 22.20 32.11
C GLY A 192 -19.13 22.66 33.41
N HIS A 193 -19.57 23.92 33.47
CA HIS A 193 -20.26 24.41 34.64
C HIS A 193 -21.67 23.86 34.67
N ASN A 194 -22.28 23.83 35.85
CA ASN A 194 -23.57 23.14 35.99
C ASN A 194 -24.75 24.00 35.54
N THR A 195 -24.65 25.33 35.62
CA THR A 195 -25.82 26.16 35.32
C THR A 195 -26.21 26.05 33.85
N ASN A 196 -25.24 26.24 32.95
CA ASN A 196 -25.51 26.25 31.52
C ASN A 196 -24.79 25.15 30.75
N GLY A 197 -24.03 24.29 31.43
CA GLY A 197 -23.15 23.35 30.77
C GLY A 197 -23.38 21.92 31.23
N LEU A 198 -22.31 21.13 31.14
CA LEU A 198 -22.43 19.69 31.30
C LEU A 198 -22.57 19.23 32.75
N GLY A 199 -22.20 20.05 33.73
CA GLY A 199 -22.33 19.63 35.11
C GLY A 199 -23.79 19.49 35.53
N LYS A 200 -24.05 18.56 36.45
CA LYS A 200 -25.40 18.37 36.97
C LYS A 200 -25.55 19.03 38.34
N SER A 201 -25.07 18.39 39.40
CA SER A 201 -25.12 18.98 40.73
C SER A 201 -24.01 20.00 40.97
N GLY A 202 -22.92 19.93 40.21
CA GLY A 202 -21.85 20.90 40.32
C GLY A 202 -21.06 20.89 39.03
N GLN A 203 -20.01 21.70 39.00
CA GLN A 203 -19.17 21.74 37.81
C GLN A 203 -18.45 20.42 37.61
N LEU A 204 -18.07 20.15 36.35
CA LEU A 204 -17.20 19.02 36.07
C LEU A 204 -15.87 19.20 36.81
N SER A 205 -15.20 18.08 37.07
N SER A 205 -15.20 18.08 37.07
CA SER A 205 -14.00 18.10 37.90
CA SER A 205 -14.01 18.12 37.93
C SER A 205 -12.86 18.85 37.24
C SER A 205 -12.80 18.72 37.23
N ALA A 206 -12.84 18.91 35.91
CA ALA A 206 -11.75 19.56 35.19
C ALA A 206 -12.29 20.04 33.85
N ALA A 207 -11.43 20.76 33.11
CA ALA A 207 -11.75 21.07 31.73
C ALA A 207 -11.88 19.78 30.93
N VAL A 208 -12.67 19.84 29.86
CA VAL A 208 -12.87 18.73 28.95
C VAL A 208 -12.39 19.17 27.58
N THR A 209 -11.60 18.33 26.91
CA THR A 209 -11.24 18.62 25.54
C THR A 209 -12.07 17.76 24.58
N MET A 210 -12.34 18.33 23.41
CA MET A 210 -13.13 17.64 22.40
C MET A 210 -12.48 17.77 21.03
N ALA A 211 -12.91 16.90 20.12
CA ALA A 211 -12.34 16.80 18.77
C ALA A 211 -10.83 16.56 18.83
N ALA A 212 -10.46 15.44 19.47
CA ALA A 212 -9.05 15.04 19.61
C ALA A 212 -8.18 16.18 20.12
N GLY A 213 -8.66 16.86 21.17
CA GLY A 213 -7.89 17.89 21.84
C GLY A 213 -7.92 19.26 21.19
N TYR A 214 -8.77 19.48 20.18
CA TYR A 214 -8.78 20.78 19.51
C TYR A 214 -9.39 21.88 20.38
N VAL A 215 -10.55 21.61 21.00
CA VAL A 215 -11.28 22.61 21.75
C VAL A 215 -11.27 22.25 23.22
N THR A 216 -11.03 23.25 24.07
CA THR A 216 -11.00 23.08 25.52
C THR A 216 -12.22 23.75 26.10
N VAL A 217 -13.04 22.97 26.80
CA VAL A 217 -14.29 23.40 27.39
C VAL A 217 -14.03 23.51 28.89
N ALA A 218 -14.02 24.74 29.39
CA ALA A 218 -13.70 24.97 30.80
C ALA A 218 -14.82 24.50 31.71
N ASN A 219 -14.48 24.22 32.97
CA ASN A 219 -15.49 23.87 33.96
C ASN A 219 -16.04 25.08 34.69
N SER A 220 -15.76 26.27 34.19
CA SER A 220 -16.28 27.53 34.71
C SER A 220 -17.09 28.22 33.61
N GLN A 221 -17.70 29.34 33.95
CA GLN A 221 -18.53 30.07 32.99
C GLN A 221 -17.62 30.98 32.16
N THR A 222 -16.91 30.35 31.22
CA THR A 222 -16.01 31.09 30.35
C THR A 222 -15.99 30.43 28.98
N ALA A 223 -15.59 31.22 27.98
CA ALA A 223 -15.63 30.77 26.59
C ALA A 223 -14.64 29.62 26.35
N VAL A 224 -14.92 28.86 25.29
CA VAL A 224 -13.97 27.83 24.90
C VAL A 224 -12.66 28.46 24.44
N THR A 225 -11.61 27.65 24.45
CA THR A 225 -10.35 27.99 23.80
C THR A 225 -10.02 26.89 22.80
N VAL A 226 -9.30 27.26 21.74
CA VAL A 226 -8.92 26.31 20.70
C VAL A 226 -7.42 26.34 20.47
N GLN A 227 -6.88 25.19 20.08
CA GLN A 227 -5.48 25.10 19.70
C GLN A 227 -5.29 25.73 18.32
N ALA A 228 -4.27 26.56 18.19
CA ALA A 228 -3.82 26.99 16.87
C ALA A 228 -3.05 25.84 16.25
N LEU A 229 -3.51 25.35 15.09
CA LEU A 229 -2.92 24.19 14.43
C LEU A 229 -2.36 24.51 13.06
N ASP A 230 -2.13 25.79 12.77
CA ASP A 230 -1.68 26.21 11.46
C ASP A 230 -0.15 26.30 11.33
N ALA A 231 0.59 26.08 12.40
CA ALA A 231 2.05 26.15 12.37
C ALA A 231 2.66 25.07 13.26
N LEU A 232 2.42 23.82 12.90
CA LEU A 232 2.73 22.69 13.76
C LEU A 232 4.22 22.36 13.74
N GLN A 233 4.66 21.70 14.80
CA GLN A 233 5.97 21.07 14.86
C GLN A 233 5.81 19.67 15.41
N GLU A 234 6.77 18.81 15.10
CA GLU A 234 6.74 17.45 15.61
C GLU A 234 6.75 17.48 17.13
N ALA A 235 5.85 16.70 17.72
CA ALA A 235 5.77 16.59 19.17
C ALA A 235 5.21 15.21 19.50
N SER A 236 5.35 14.81 20.75
CA SER A 236 4.81 13.55 21.25
C SER A 236 4.03 13.81 22.53
N GLY A 237 2.97 13.03 22.71
CA GLY A 237 2.19 13.13 23.93
C GLY A 237 1.38 14.39 24.08
N ALA A 238 1.11 15.10 23.00
CA ALA A 238 0.32 16.32 23.09
C ALA A 238 -1.15 15.99 23.30
N ALA A 239 -1.88 16.92 23.92
CA ALA A 239 -3.32 16.75 24.09
C ALA A 239 -4.04 16.63 22.75
N HIS A 240 -3.48 17.23 21.70
CA HIS A 240 -4.05 17.19 20.36
C HIS A 240 -3.20 16.34 19.43
N GLN A 241 -2.55 15.32 19.99
CA GLN A 241 -1.65 14.48 19.19
C GLN A 241 -2.22 13.96 17.88
N PRO A 242 -3.49 13.52 17.79
CA PRO A 242 -3.95 12.98 16.49
C PRO A 242 -3.86 13.98 15.36
N TRP A 243 -4.03 15.27 15.66
CA TRP A 243 -3.83 16.30 14.64
C TRP A 243 -2.39 16.33 14.16
N ILE A 244 -1.44 16.25 15.09
CA ILE A 244 -0.03 16.21 14.70
C ILE A 244 0.27 14.95 13.90
N ASP A 245 -0.26 13.81 14.34
CA ASP A 245 0.00 12.55 13.65
C ASP A 245 -0.43 12.59 12.20
N ALA A 246 -1.64 13.13 11.94
CA ALA A 246 -2.11 13.15 10.55
C ALA A 246 -1.32 14.15 9.71
N TRP A 247 -0.97 15.28 10.30
CA TRP A 247 -0.16 16.26 9.59
C TRP A 247 1.21 15.69 9.24
N LYS A 248 1.88 15.05 10.21
CA LYS A 248 3.19 14.48 9.95
C LYS A 248 3.14 13.40 8.89
N ALA A 249 2.11 12.55 8.95
CA ALA A 249 2.03 11.45 7.99
C ALA A 249 1.77 11.96 6.59
N LYS A 250 0.92 13.00 6.45
CA LYS A 250 0.68 13.55 5.11
C LYS A 250 1.91 14.24 4.57
N LYS A 251 2.61 14.99 5.43
CA LYS A 251 3.80 15.72 5.01
C LYS A 251 4.91 14.77 4.56
N ALA A 252 4.91 13.54 5.09
CA ALA A 252 5.93 12.55 4.80
C ALA A 252 5.77 11.89 3.43
N LEU A 253 4.63 12.07 2.77
CA LEU A 253 4.36 11.31 1.55
C LEU A 253 5.24 11.78 0.41
N THR A 254 5.92 10.85 -0.25
CA THR A 254 6.67 11.18 -1.45
C THR A 254 5.94 10.78 -2.72
N GLY A 255 4.93 9.93 -2.62
CA GLY A 255 4.28 9.40 -3.79
C GLY A 255 5.21 8.47 -4.58
N ALA A 256 4.70 8.06 -5.74
CA ALA A 256 5.47 7.21 -6.64
C ALA A 256 6.36 8.09 -7.49
N GLU A 257 7.13 8.95 -6.84
CA GLU A 257 7.87 10.01 -7.54
C GLU A 257 9.36 10.02 -7.21
N THR A 258 9.85 9.04 -6.46
CA THR A 258 11.27 8.94 -6.20
C THR A 258 11.96 8.31 -7.40
N ALA A 259 13.30 8.26 -7.34
CA ALA A 259 14.10 7.94 -8.53
C ALA A 259 13.76 6.57 -9.13
N GLU A 260 13.33 5.62 -8.31
CA GLU A 260 13.01 4.28 -8.80
C GLU A 260 11.92 4.31 -9.88
N PHE A 261 11.02 5.28 -9.82
CA PHE A 261 9.81 5.30 -10.62
C PHE A 261 9.91 6.24 -11.82
N ARG A 262 11.02 6.95 -11.96
CA ARG A 262 11.17 8.00 -12.96
C ARG A 262 12.30 7.64 -13.92
N ASN A 263 12.07 7.92 -15.18
CA ASN A 263 13.11 7.71 -16.18
C ASN A 263 14.17 8.81 -16.07
N GLU A 264 15.37 8.51 -16.59
CA GLU A 264 16.56 9.33 -16.38
C GLU A 264 16.99 9.98 -17.70
N THR A 265 17.52 11.20 -17.61
CA THR A 265 17.90 12.02 -18.77
C THR A 265 19.30 12.59 -18.62
N ALA A 266 20.23 11.83 -18.03
CA ALA A 266 21.57 12.32 -17.73
C ALA A 266 22.66 11.56 -18.50
N GLY A 267 22.38 11.17 -19.74
CA GLY A 267 23.37 10.46 -20.53
C GLY A 267 23.41 8.99 -20.17
N ILE A 268 24.23 8.25 -20.91
CA ILE A 268 24.19 6.79 -20.86
C ILE A 268 25.06 6.22 -19.74
N ALA A 269 26.30 6.70 -19.62
CA ALA A 269 27.21 6.11 -18.65
C ALA A 269 26.70 6.23 -17.23
N GLY A 270 25.97 7.30 -16.93
CA GLY A 270 25.41 7.52 -15.61
C GLY A 270 24.04 6.95 -15.37
N LYS A 271 23.49 6.26 -16.37
CA LYS A 271 22.16 5.66 -16.21
C LYS A 271 22.26 4.47 -15.29
N THR A 272 21.22 4.27 -14.47
CA THR A 272 21.24 3.21 -13.46
C THR A 272 21.70 1.90 -14.08
N GLY A 273 22.75 1.29 -13.48
CA GLY A 273 23.23 -0.02 -13.85
C GLY A 273 24.22 -0.07 -14.99
N VAL A 274 24.36 1.00 -15.77
CA VAL A 274 25.06 0.89 -17.04
C VAL A 274 26.57 0.73 -16.85
N THR A 275 27.19 1.64 -16.12
CA THR A 275 28.64 1.57 -15.96
C THR A 275 29.06 0.26 -15.30
N LYS A 276 28.31 -0.18 -14.29
CA LYS A 276 28.65 -1.44 -13.62
C LYS A 276 28.55 -2.63 -14.57
N LEU A 277 27.52 -2.67 -15.41
CA LEU A 277 27.38 -3.78 -16.34
C LEU A 277 28.49 -3.77 -17.38
N VAL A 278 28.84 -2.59 -17.89
CA VAL A 278 29.96 -2.50 -18.81
C VAL A 278 31.24 -3.01 -18.15
N GLU A 279 31.49 -2.58 -16.91
CA GLU A 279 32.68 -3.01 -16.20
C GLU A 279 32.68 -4.52 -15.99
N GLU A 280 31.53 -5.07 -15.57
CA GLU A 280 31.48 -6.46 -15.15
C GLU A 280 31.45 -7.43 -16.33
N ALA A 281 30.66 -7.11 -17.35
CA ALA A 281 30.42 -8.06 -18.43
C ALA A 281 31.23 -7.80 -19.69
N LEU A 282 31.64 -6.56 -19.92
CA LEU A 282 32.37 -6.25 -21.15
C LEU A 282 33.86 -6.06 -20.90
N LEU A 283 34.22 -5.20 -19.95
CA LEU A 283 35.63 -5.02 -19.62
C LEU A 283 36.14 -6.13 -18.70
N LYS A 284 35.23 -6.74 -17.94
CA LYS A 284 35.59 -7.78 -16.97
C LYS A 284 36.69 -7.29 -16.03
N LYS A 285 36.49 -6.07 -15.52
CA LYS A 285 37.39 -5.43 -14.58
C LYS A 285 36.54 -4.82 -13.46
N LYS A 286 37.16 -4.64 -12.30
CA LYS A 286 36.43 -4.07 -11.17
C LYS A 286 36.44 -2.55 -11.17
N ASP A 287 37.51 -1.93 -11.67
CA ASP A 287 37.61 -0.50 -11.78
C ASP A 287 37.70 -0.11 -13.26
N SER A 288 37.23 1.09 -13.57
CA SER A 288 37.31 1.59 -14.94
C SER A 288 37.48 3.10 -14.91
N GLU A 289 38.16 3.62 -15.93
CA GLU A 289 38.18 5.04 -16.18
C GLU A 289 37.02 5.40 -17.10
N ALA A 290 36.61 6.68 -17.05
CA ALA A 290 35.48 7.13 -17.84
C ALA A 290 35.70 6.88 -19.33
N SER A 291 36.94 7.06 -19.80
CA SER A 291 37.25 6.86 -21.20
C SER A 291 37.03 5.41 -21.65
N GLU A 292 37.28 4.44 -20.76
CA GLU A 292 37.05 3.05 -21.12
C GLU A 292 35.57 2.77 -21.29
N ILE A 293 34.73 3.35 -20.42
CA ILE A 293 33.29 3.18 -20.57
C ILE A 293 32.80 3.82 -21.84
N GLN A 294 33.27 5.04 -22.13
CA GLN A 294 32.86 5.73 -23.35
C GLN A 294 33.21 4.92 -24.59
N THR A 295 34.38 4.27 -24.58
CA THR A 295 34.78 3.46 -25.72
C THR A 295 33.83 2.28 -25.93
N GLU A 296 33.43 1.61 -24.86
CA GLU A 296 32.47 0.52 -24.99
C GLU A 296 31.12 1.04 -25.45
N LEU A 297 30.66 2.15 -24.87
CA LEU A 297 29.35 2.67 -25.25
C LEU A 297 29.32 3.14 -26.70
N LYS A 298 30.44 3.66 -27.20
CA LYS A 298 30.49 4.01 -28.62
C LYS A 298 30.26 2.77 -29.49
N LYS A 299 30.81 1.63 -29.07
CA LYS A 299 30.69 0.42 -29.88
C LYS A 299 29.25 -0.05 -29.98
N TYR A 300 28.49 0.07 -28.90
CA TYR A 300 27.15 -0.49 -28.87
C TYR A 300 26.04 0.53 -29.06
N PHE A 301 26.25 1.79 -28.66
CA PHE A 301 25.24 2.83 -28.82
C PHE A 301 25.60 3.88 -29.85
N SER A 302 26.84 3.90 -30.36
CA SER A 302 27.36 4.95 -31.23
C SER A 302 27.49 6.30 -30.52
N GLY A 303 27.54 6.29 -29.20
CA GLY A 303 27.64 7.53 -28.44
C GLY A 303 27.26 7.26 -26.99
N HIS A 304 27.31 8.32 -26.19
CA HIS A 304 27.01 8.18 -24.77
C HIS A 304 25.98 9.19 -24.28
N GLU A 305 25.24 9.81 -25.18
CA GLU A 305 24.26 10.82 -24.82
C GLU A 305 22.85 10.24 -24.88
N ASN A 306 21.89 10.98 -24.31
CA ASN A 306 20.50 10.55 -24.30
C ASN A 306 20.02 10.18 -25.70
N GLU A 307 20.42 10.95 -26.71
CA GLU A 307 19.92 10.72 -28.06
C GLU A 307 20.28 9.32 -28.56
N GLN A 308 21.46 8.83 -28.22
CA GLN A 308 21.85 7.50 -28.67
C GLN A 308 21.07 6.40 -27.94
N TRP A 309 20.76 6.61 -26.66
CA TRP A 309 19.91 5.67 -25.93
C TRP A 309 18.51 5.65 -26.55
N THR A 310 17.95 6.83 -26.79
CA THR A 310 16.63 6.93 -27.42
C THR A 310 16.60 6.24 -28.77
N ALA A 311 17.71 6.33 -29.52
CA ALA A 311 17.74 5.71 -30.84
C ALA A 311 17.69 4.19 -30.75
N ILE A 312 18.40 3.61 -29.77
CA ILE A 312 18.30 2.16 -29.56
C ILE A 312 16.89 1.78 -29.12
N GLU A 313 16.29 2.58 -28.23
CA GLU A 313 14.94 2.28 -27.80
C GLU A 313 13.96 2.34 -28.96
N LYS A 314 14.21 3.22 -29.93
CA LYS A 314 13.34 3.27 -31.11
C LYS A 314 13.48 2.00 -31.95
N LEU A 315 14.71 1.52 -32.14
CA LEU A 315 14.90 0.24 -32.83
C LEU A 315 14.17 -0.89 -32.10
N ILE A 316 14.26 -0.91 -30.76
CA ILE A 316 13.59 -1.94 -29.99
C ILE A 316 12.09 -1.88 -30.22
N SER A 317 11.53 -0.67 -30.12
CA SER A 317 10.09 -0.48 -30.22
C SER A 317 9.58 -0.83 -31.60
N GLU A 318 10.41 -0.70 -32.63
CA GLU A 318 9.97 -0.96 -34.00
C GLU A 318 10.10 -2.43 -34.40
N GLN A 319 10.75 -3.25 -33.59
CA GLN A 319 11.00 -4.65 -33.93
C GLN A 319 9.70 -5.46 -33.90
N PRO A 320 9.30 -6.11 -34.98
CA PRO A 320 8.11 -6.96 -34.93
C PRO A 320 8.41 -8.33 -34.37
N VAL A 321 7.37 -8.92 -33.79
CA VAL A 321 7.39 -10.31 -33.38
C VAL A 321 6.59 -11.15 -34.36
N ALA A 322 6.73 -12.47 -34.23
CA ALA A 322 6.02 -13.38 -35.12
C ALA A 322 4.50 -13.20 -34.98
N GLN A 323 3.82 -13.21 -36.13
CA GLN A 323 2.39 -12.92 -36.14
C GLN A 323 1.59 -13.91 -35.32
N ASN A 324 2.07 -15.16 -35.22
CA ASN A 324 1.39 -16.20 -34.46
C ASN A 324 1.35 -15.90 -32.97
N LEU A 325 2.14 -14.96 -32.49
CA LEU A 325 2.23 -14.70 -31.06
C LEU A 325 1.22 -13.68 -30.56
N VAL A 326 0.48 -13.04 -31.47
CA VAL A 326 -0.56 -12.08 -31.11
C VAL A 326 -1.85 -12.49 -31.79
N GLY A 327 -2.94 -11.84 -31.38
CA GLY A 327 -4.24 -12.14 -31.96
C GLY A 327 -4.36 -11.68 -33.41
N ASP A 328 -5.42 -12.16 -34.06
CA ASP A 328 -5.65 -11.81 -35.45
C ASP A 328 -5.82 -10.31 -35.60
N ASN A 329 -5.16 -9.74 -36.60
CA ASN A 329 -5.22 -8.31 -36.91
C ASN A 329 -4.67 -7.44 -35.78
N GLN A 330 -3.89 -8.03 -34.85
CA GLN A 330 -3.35 -7.26 -33.74
C GLN A 330 -1.93 -6.78 -34.06
N PRO A 331 -1.49 -5.69 -33.43
CA PRO A 331 -0.14 -5.16 -33.70
C PRO A 331 0.93 -6.17 -33.34
N THR A 332 2.06 -6.12 -34.06
CA THR A 332 3.17 -7.02 -33.76
C THR A 332 4.47 -6.30 -33.39
N LYS A 333 4.56 -4.98 -33.55
CA LYS A 333 5.78 -4.29 -33.17
C LYS A 333 5.86 -4.17 -31.66
N LEU A 334 7.06 -4.35 -31.10
CA LEU A 334 7.19 -4.46 -29.65
C LEU A 334 6.63 -3.24 -28.94
N GLY A 335 6.85 -2.05 -29.51
CA GLY A 335 6.36 -0.83 -28.88
C GLY A 335 4.86 -0.69 -28.87
N GLU A 336 4.16 -1.47 -29.69
CA GLU A 336 2.69 -1.48 -29.68
C GLU A 336 2.12 -2.56 -28.79
N LEU A 337 2.97 -3.34 -28.12
CA LEU A 337 2.53 -4.35 -27.16
C LEU A 337 2.77 -3.85 -25.75
N GLU A 338 1.84 -4.14 -24.84
CA GLU A 338 2.05 -3.79 -23.46
C GLU A 338 1.43 -4.86 -22.57
N GLY A 339 1.80 -4.83 -21.30
CA GLY A 339 1.32 -5.81 -20.35
C GLY A 339 2.42 -6.80 -20.01
N ASN A 340 2.75 -6.92 -18.72
CA ASN A 340 3.90 -7.73 -18.32
C ASN A 340 3.71 -9.19 -18.70
N ALA A 341 2.57 -9.76 -18.34
CA ALA A 341 2.35 -11.18 -18.62
C ALA A 341 2.38 -11.47 -20.11
N LYS A 342 1.83 -10.56 -20.92
CA LYS A 342 1.82 -10.76 -22.37
C LYS A 342 3.25 -10.77 -22.92
N LEU A 343 4.07 -9.80 -22.53
CA LEU A 343 5.44 -9.75 -23.04
C LEU A 343 6.30 -10.88 -22.45
N THR A 344 6.02 -11.29 -21.23
CA THR A 344 6.80 -12.37 -20.61
C THR A 344 6.73 -13.64 -21.44
N THR A 345 5.53 -14.00 -21.93
CA THR A 345 5.45 -15.24 -22.68
C THR A 345 6.04 -15.11 -24.08
N ILE A 346 6.03 -13.90 -24.65
CA ILE A 346 6.75 -13.67 -25.90
C ILE A 346 8.24 -13.86 -25.70
N LEU A 347 8.79 -13.34 -24.59
CA LEU A 347 10.19 -13.57 -24.29
C LEU A 347 10.50 -15.06 -24.15
N ALA A 348 9.60 -15.81 -23.49
CA ALA A 348 9.80 -17.24 -23.36
C ALA A 348 9.87 -17.92 -24.73
N TYR A 349 9.00 -17.51 -25.66
CA TYR A 349 9.04 -18.06 -27.01
C TYR A 349 10.40 -17.84 -27.65
N TYR A 350 10.92 -16.61 -27.57
CA TYR A 350 12.19 -16.30 -28.22
C TYR A 350 13.38 -16.90 -27.49
N ARG A 351 13.28 -17.09 -26.17
CA ARG A 351 14.31 -17.87 -25.48
C ARG A 351 14.32 -19.31 -25.96
N MET A 352 13.14 -19.89 -26.18
CA MET A 352 13.08 -21.24 -26.72
C MET A 352 13.70 -21.28 -28.10
N GLU A 353 13.41 -20.26 -28.93
CA GLU A 353 14.01 -20.19 -30.27
C GLU A 353 15.53 -20.10 -30.19
N THR A 354 16.04 -19.28 -29.27
CA THR A 354 17.48 -19.14 -29.09
C THR A 354 18.11 -20.45 -28.66
N ALA A 355 17.49 -21.16 -27.72
CA ALA A 355 18.02 -22.44 -27.30
C ALA A 355 18.12 -23.41 -28.47
N GLY A 356 17.07 -23.48 -29.29
CA GLY A 356 17.10 -24.37 -30.43
C GLY A 356 18.12 -23.97 -31.48
N LYS A 357 18.25 -22.66 -31.74
CA LYS A 357 19.24 -22.22 -32.71
C LYS A 357 20.66 -22.48 -32.21
N PHE A 358 20.87 -22.34 -30.89
CA PHE A 358 22.18 -22.67 -30.34
C PHE A 358 22.50 -24.15 -30.56
N GLU A 359 21.52 -25.02 -30.32
CA GLU A 359 21.75 -26.44 -30.55
C GLU A 359 22.11 -26.72 -32.01
N VAL A 360 21.39 -26.10 -32.95
CA VAL A 360 21.65 -26.35 -34.36
C VAL A 360 23.03 -25.85 -34.77
N LEU A 361 23.43 -24.69 -34.24
CA LEU A 361 24.70 -24.09 -34.63
C LEU A 361 25.90 -24.79 -34.01
N THR A 362 25.71 -25.50 -32.91
CA THR A 362 26.81 -26.15 -32.22
C THR A 362 26.77 -27.67 -32.38
N ALA B 1 -30.59 3.04 36.63
CA ALA B 1 -31.75 3.91 36.45
C ALA B 1 -31.54 4.82 35.25
N ALA B 2 -32.64 5.19 34.59
CA ALA B 2 -32.56 6.09 33.45
C ALA B 2 -31.84 7.37 33.84
N GLU B 3 -31.10 7.92 32.87
CA GLU B 3 -30.46 9.24 32.98
C GLU B 3 -29.24 9.26 33.91
N LYS B 4 -28.65 8.12 34.22
CA LYS B 4 -27.48 8.07 35.08
C LYS B 4 -26.26 7.65 34.27
N GLY B 5 -25.08 7.78 34.88
CA GLY B 5 -23.84 7.44 34.20
C GLY B 5 -23.75 5.96 33.84
N PHE B 6 -22.81 5.66 32.93
CA PHE B 6 -22.72 4.35 32.30
C PHE B 6 -21.73 3.45 33.03
N LYS B 7 -22.23 2.30 33.48
CA LYS B 7 -21.39 1.29 34.10
C LYS B 7 -20.55 0.59 33.03
N GLN B 8 -19.56 -0.17 33.50
CA GLN B 8 -18.55 -0.77 32.63
C GLN B 8 -19.15 -1.74 31.62
N ALA B 9 -20.28 -2.38 31.94
CA ALA B 9 -20.90 -3.29 30.98
C ALA B 9 -21.28 -2.57 29.67
N PHE B 10 -21.52 -1.25 29.74
CA PHE B 10 -21.85 -0.51 28.54
C PHE B 10 -20.61 -0.19 27.71
N TRP B 11 -19.58 0.37 28.34
CA TRP B 11 -18.49 0.93 27.56
C TRP B 11 -17.33 -0.04 27.35
N GLN B 12 -17.16 -1.02 28.22
CA GLN B 12 -16.09 -2.00 27.99
C GLN B 12 -16.18 -2.67 26.62
N PRO B 13 -17.34 -3.11 26.13
CA PRO B 13 -17.37 -3.70 24.79
C PRO B 13 -16.94 -2.72 23.70
N LEU B 14 -17.17 -1.42 23.89
CA LEU B 14 -16.68 -0.44 22.94
C LEU B 14 -15.16 -0.32 22.98
N CYS B 15 -14.57 -0.41 24.18
CA CYS B 15 -13.11 -0.43 24.30
C CYS B 15 -12.54 -1.64 23.59
N GLN B 16 -13.17 -2.80 23.75
CA GLN B 16 -12.67 -4.01 23.09
C GLN B 16 -12.64 -3.84 21.58
N VAL B 17 -13.69 -3.26 21.02
CA VAL B 17 -13.72 -3.02 19.57
C VAL B 17 -12.67 -1.99 19.18
N SER B 18 -12.55 -0.90 19.94
CA SER B 18 -11.59 0.14 19.61
C SER B 18 -10.17 -0.41 19.60
N GLU B 19 -9.83 -1.26 20.58
CA GLU B 19 -8.51 -1.87 20.60
C GLU B 19 -8.27 -2.77 19.41
N GLU B 20 -9.28 -3.55 19.00
CA GLU B 20 -9.07 -4.45 17.87
C GLU B 20 -9.00 -3.70 16.55
N LEU B 21 -9.79 -2.63 16.41
CA LEU B 21 -9.70 -1.82 15.20
C LEU B 21 -8.32 -1.20 15.03
N ASP B 22 -7.65 -0.89 16.15
CA ASP B 22 -6.31 -0.33 16.14
C ASP B 22 -5.32 -1.23 15.41
N ASP B 23 -5.61 -2.52 15.33
CA ASP B 23 -4.73 -3.46 14.66
C ASP B 23 -4.97 -3.56 13.16
N GLN B 24 -6.10 -3.05 12.65
CA GLN B 24 -6.36 -3.19 11.22
C GLN B 24 -5.30 -2.55 10.34
N PRO B 25 -4.81 -1.35 10.62
CA PRO B 25 -3.73 -0.79 9.78
C PRO B 25 -2.47 -1.64 9.86
N LYS B 26 -2.20 -2.27 11.01
CA LYS B 26 -1.04 -3.15 11.11
C LYS B 26 -1.18 -4.34 10.16
N GLY B 27 -2.39 -4.88 10.04
CA GLY B 27 -2.63 -5.96 9.10
C GLY B 27 -2.54 -5.53 7.65
N ALA B 28 -2.90 -4.28 7.36
CA ALA B 28 -2.76 -3.77 5.99
C ALA B 28 -1.29 -3.68 5.61
N LEU B 29 -0.47 -3.13 6.51
CA LEU B 29 0.95 -3.06 6.23
C LEU B 29 1.54 -4.47 6.08
N PHE B 30 1.13 -5.39 6.96
CA PHE B 30 1.61 -6.76 6.86
C PHE B 30 1.29 -7.36 5.50
N THR B 31 0.06 -7.19 5.02
CA THR B 31 -0.33 -7.85 3.78
C THR B 31 0.29 -7.18 2.56
N LEU B 32 0.34 -5.84 2.55
CA LEU B 32 0.97 -5.17 1.41
C LEU B 32 2.44 -5.55 1.28
N GLN B 33 3.13 -5.66 2.42
CA GLN B 33 4.54 -6.05 2.39
C GLN B 33 4.68 -7.53 2.05
N ALA B 34 3.78 -8.38 2.54
CA ALA B 34 3.86 -9.80 2.23
C ALA B 34 3.64 -10.04 0.74
N ALA B 35 2.71 -9.30 0.13
CA ALA B 35 2.47 -9.44 -1.31
C ALA B 35 3.72 -9.09 -2.10
N ALA B 36 4.36 -7.98 -1.77
CA ALA B 36 5.59 -7.59 -2.45
C ALA B 36 6.70 -8.62 -2.23
N SER B 37 6.85 -9.11 -1.00
N SER B 37 6.84 -9.11 -1.01
CA SER B 37 7.89 -10.11 -0.72
CA SER B 37 7.89 -10.10 -0.73
C SER B 37 7.67 -11.37 -1.53
C SER B 37 7.67 -11.39 -1.52
N LYS B 38 6.42 -11.82 -1.65
CA LYS B 38 6.13 -13.03 -2.41
C LYS B 38 6.37 -12.81 -3.90
N ILE B 39 5.96 -11.66 -4.45
CA ILE B 39 6.33 -11.33 -5.83
C ILE B 39 7.84 -11.40 -6.01
N GLN B 40 8.59 -10.82 -5.06
CA GLN B 40 10.05 -10.82 -5.18
C GLN B 40 10.62 -12.24 -5.16
N LYS B 41 10.03 -13.12 -4.34
CA LYS B 41 10.49 -14.51 -4.34
C LYS B 41 10.23 -15.18 -5.67
N MET B 42 9.06 -14.93 -6.28
CA MET B 42 8.78 -15.47 -7.60
C MET B 42 9.76 -14.92 -8.63
N ARG B 43 10.04 -13.62 -8.57
CA ARG B 43 10.98 -13.03 -9.51
C ARG B 43 12.38 -13.61 -9.35
N ASP B 44 12.81 -13.84 -8.11
CA ASP B 44 14.14 -14.43 -7.88
C ASP B 44 14.24 -15.80 -8.54
N ALA B 45 13.19 -16.61 -8.40
CA ALA B 45 13.21 -17.95 -9.00
C ALA B 45 13.19 -17.87 -10.53
N ALA B 46 12.41 -16.93 -11.08
CA ALA B 46 12.47 -16.72 -12.52
C ALA B 46 13.87 -16.34 -12.97
N LEU B 47 14.53 -15.46 -12.21
CA LEU B 47 15.88 -15.02 -12.59
C LEU B 47 16.89 -16.16 -12.47
N ARG B 48 16.82 -16.95 -11.39
CA ARG B 48 17.72 -18.09 -11.26
C ARG B 48 17.55 -19.04 -12.44
N ALA B 49 16.30 -19.34 -12.80
CA ALA B 49 16.05 -20.26 -13.90
C ALA B 49 16.54 -19.67 -15.21
N SER B 50 16.35 -18.36 -15.40
CA SER B 50 16.81 -17.69 -16.61
C SER B 50 18.32 -17.79 -16.73
N ILE B 51 19.02 -17.57 -15.62
CA ILE B 51 20.48 -17.63 -15.63
C ILE B 51 20.96 -19.04 -15.95
N TYR B 52 20.34 -20.05 -15.32
CA TYR B 52 20.69 -21.43 -15.63
C TYR B 52 20.55 -21.70 -17.12
N ALA B 53 19.45 -21.24 -17.73
CA ALA B 53 19.23 -21.46 -19.15
C ALA B 53 20.32 -20.81 -20.00
N GLU B 54 20.70 -19.57 -19.68
CA GLU B 54 21.74 -18.88 -20.45
C GLU B 54 23.07 -19.63 -20.35
N ILE B 55 23.39 -20.16 -19.17
CA ILE B 55 24.66 -20.84 -18.97
C ILE B 55 24.69 -22.17 -19.72
N ASN B 56 23.56 -22.87 -19.75
CA ASN B 56 23.54 -24.27 -20.14
C ASN B 56 22.92 -24.51 -21.51
N HIS B 57 22.78 -23.47 -22.34
CA HIS B 57 22.37 -23.65 -23.72
C HIS B 57 23.11 -24.82 -24.35
N GLY B 58 22.36 -25.69 -25.01
CA GLY B 58 22.90 -26.91 -25.59
C GLY B 58 22.36 -28.18 -24.95
N THR B 59 21.79 -28.09 -23.74
CA THR B 59 21.19 -29.24 -23.07
C THR B 59 19.67 -29.12 -23.03
N ASN B 60 19.02 -30.29 -22.94
CA ASN B 60 17.58 -30.30 -22.75
C ASN B 60 17.16 -29.62 -21.45
N ARG B 61 17.98 -29.73 -20.40
CA ARG B 61 17.64 -29.08 -19.14
C ARG B 61 17.60 -27.56 -19.28
N ALA B 62 18.36 -26.99 -20.21
CA ALA B 62 18.31 -25.55 -20.41
C ALA B 62 16.93 -25.12 -20.89
N LYS B 63 16.30 -25.93 -21.76
CA LYS B 63 14.95 -25.61 -22.19
C LYS B 63 13.94 -25.83 -21.07
N ALA B 64 14.12 -26.86 -20.24
CA ALA B 64 13.29 -26.98 -19.04
C ALA B 64 13.39 -25.71 -18.20
N ALA B 65 14.58 -25.13 -18.10
CA ALA B 65 14.76 -23.94 -17.28
C ALA B 65 14.06 -22.73 -17.89
N VAL B 66 13.95 -22.67 -19.21
CA VAL B 66 13.16 -21.61 -19.84
C VAL B 66 11.69 -21.73 -19.42
N ILE B 67 11.19 -22.96 -19.34
CA ILE B 67 9.81 -23.19 -18.92
C ILE B 67 9.62 -22.82 -17.46
N VAL B 68 10.59 -23.16 -16.61
CA VAL B 68 10.53 -22.80 -15.20
C VAL B 68 10.56 -21.29 -15.05
N ALA B 69 11.46 -20.63 -15.78
CA ALA B 69 11.58 -19.18 -15.69
C ALA B 69 10.28 -18.51 -16.10
N ASN B 70 9.64 -19.03 -17.17
CA ASN B 70 8.40 -18.42 -17.62
C ASN B 70 7.31 -18.56 -16.57
N HIS B 71 7.23 -19.73 -15.95
CA HIS B 71 6.25 -19.95 -14.89
C HIS B 71 6.39 -18.92 -13.79
N TYR B 72 7.60 -18.78 -13.25
CA TYR B 72 7.79 -17.86 -12.13
C TYR B 72 7.66 -16.40 -12.54
N ALA B 73 8.08 -16.05 -13.76
CA ALA B 73 7.90 -14.68 -14.21
C ALA B 73 6.43 -14.35 -14.35
N MET B 74 5.64 -15.29 -14.88
CA MET B 74 4.19 -15.04 -14.96
C MET B 74 3.57 -14.92 -13.56
N LYS B 75 4.04 -15.71 -12.60
CA LYS B 75 3.54 -15.55 -11.24
C LYS B 75 3.89 -14.17 -10.69
N ALA B 76 5.14 -13.74 -10.89
CA ALA B 76 5.53 -12.42 -10.40
C ALA B 76 4.70 -11.32 -11.06
N ASP B 77 4.49 -11.43 -12.38
CA ASP B 77 3.69 -10.43 -13.09
C ASP B 77 2.27 -10.40 -12.56
N SER B 78 1.66 -11.58 -12.40
CA SER B 78 0.26 -11.61 -11.98
C SER B 78 0.11 -11.18 -10.53
N GLY B 79 1.12 -11.44 -9.70
CA GLY B 79 1.07 -10.96 -8.32
C GLY B 79 1.10 -9.44 -8.24
N LEU B 80 1.94 -8.81 -9.06
CA LEU B 80 1.97 -7.35 -9.09
C LEU B 80 0.64 -6.79 -9.58
N GLU B 81 0.04 -7.43 -10.58
CA GLU B 81 -1.27 -6.98 -11.04
C GLU B 81 -2.32 -7.13 -9.93
N ALA B 82 -2.26 -8.22 -9.17
CA ALA B 82 -3.20 -8.41 -8.06
C ALA B 82 -2.96 -7.39 -6.96
N LEU B 83 -1.69 -7.11 -6.65
CA LEU B 83 -1.39 -6.09 -5.66
C LEU B 83 -1.96 -4.75 -6.09
N LYS B 84 -1.82 -4.41 -7.37
CA LYS B 84 -2.30 -3.13 -7.87
C LYS B 84 -3.82 -3.05 -7.88
N GLN B 85 -4.46 -4.08 -8.45
CA GLN B 85 -5.88 -4.00 -8.78
C GLN B 85 -6.78 -4.43 -7.64
N THR B 86 -6.28 -5.27 -6.73
CA THR B 86 -7.17 -5.88 -5.76
C THR B 86 -6.72 -5.68 -4.31
N LEU B 87 -5.47 -6.01 -3.99
CA LEU B 87 -5.04 -5.95 -2.60
C LEU B 87 -4.91 -4.51 -2.11
N SER B 88 -4.42 -3.61 -2.96
CA SER B 88 -4.23 -2.23 -2.50
C SER B 88 -5.57 -1.64 -2.06
N SER B 89 -6.62 -1.82 -2.86
CA SER B 89 -7.92 -1.29 -2.46
C SER B 89 -8.44 -2.00 -1.22
N GLN B 90 -8.31 -3.33 -1.17
CA GLN B 90 -8.78 -4.05 0.02
C GLN B 90 -8.14 -3.48 1.28
N GLU B 91 -6.82 -3.31 1.25
CA GLU B 91 -6.11 -2.96 2.48
C GLU B 91 -6.27 -1.47 2.81
N VAL B 92 -6.32 -0.60 1.80
CA VAL B 92 -6.63 0.80 2.09
C VAL B 92 -8.03 0.92 2.68
N THR B 93 -9.00 0.20 2.09
CA THR B 93 -10.38 0.30 2.55
C THR B 93 -10.53 -0.23 3.97
N ALA B 94 -9.89 -1.36 4.29
CA ALA B 94 -9.93 -1.87 5.66
C ALA B 94 -9.25 -0.90 6.64
N THR B 95 -8.09 -0.35 6.27
CA THR B 95 -7.40 0.61 7.11
C THR B 95 -8.29 1.81 7.39
N ALA B 96 -8.89 2.37 6.34
CA ALA B 96 -9.66 3.61 6.48
C ALA B 96 -10.95 3.39 7.26
N THR B 97 -11.70 2.34 6.91
CA THR B 97 -12.97 2.11 7.60
C THR B 97 -12.76 1.77 9.06
N ALA B 98 -11.72 0.98 9.36
CA ALA B 98 -11.48 0.62 10.75
C ALA B 98 -11.02 1.82 11.56
N SER B 99 -10.11 2.61 10.98
CA SER B 99 -9.57 3.77 11.69
C SER B 99 -10.62 4.84 11.89
N TYR B 100 -11.49 5.04 10.88
CA TYR B 100 -12.56 6.01 11.00
C TYR B 100 -13.52 5.61 12.10
N LEU B 101 -14.00 4.36 12.07
CA LEU B 101 -14.88 3.88 13.12
C LEU B 101 -14.21 3.99 14.48
N LYS B 102 -12.92 3.66 14.56
CA LYS B 102 -12.21 3.78 15.83
C LYS B 102 -12.21 5.23 16.31
N GLY B 103 -12.03 6.17 15.38
CA GLY B 103 -12.10 7.58 15.75
C GLY B 103 -13.46 7.99 16.28
N ARG B 104 -14.54 7.48 15.66
CA ARG B 104 -15.88 7.79 16.16
C ARG B 104 -16.08 7.23 17.56
N ILE B 105 -15.66 5.98 17.79
CA ILE B 105 -15.79 5.35 19.11
C ILE B 105 -14.96 6.08 20.14
N ASP B 106 -13.69 6.35 19.80
CA ASP B 106 -12.78 6.93 20.78
C ASP B 106 -13.19 8.33 21.17
N GLU B 107 -13.75 9.12 20.25
CA GLU B 107 -14.19 10.46 20.62
C GLU B 107 -15.34 10.38 21.62
N TYR B 108 -16.24 9.43 21.42
CA TYR B 108 -17.36 9.26 22.34
C TYR B 108 -16.87 8.76 23.71
N LEU B 109 -16.02 7.74 23.72
CA LEU B 109 -15.52 7.23 25.00
C LEU B 109 -14.71 8.28 25.74
N ASN B 110 -13.91 9.06 25.01
CA ASN B 110 -13.13 10.12 25.65
C ASN B 110 -14.03 11.20 26.24
N LEU B 111 -15.18 11.46 25.60
CA LEU B 111 -16.13 12.41 26.17
C LEU B 111 -16.69 11.87 27.50
N LEU B 112 -17.14 10.61 27.50
CA LEU B 112 -17.63 10.03 28.75
C LEU B 112 -16.57 10.05 29.84
N LEU B 113 -15.33 9.70 29.47
CA LEU B 113 -14.24 9.62 30.43
C LEU B 113 -14.02 10.95 31.15
N GLN B 114 -14.16 12.05 30.42
CA GLN B 114 -13.89 13.36 31.01
C GLN B 114 -15.08 14.01 31.68
N THR B 115 -16.29 13.51 31.41
CA THR B 115 -17.51 14.19 31.89
C THR B 115 -17.88 13.57 33.22
N LYS B 116 -17.23 14.06 34.28
CA LYS B 116 -17.45 13.58 35.63
C LYS B 116 -17.36 14.74 36.59
N GLU B 117 -18.03 14.58 37.73
CA GLU B 117 -18.00 15.58 38.79
C GLU B 117 -17.19 15.18 39.99
N SER B 118 -16.93 13.89 40.18
CA SER B 118 -16.24 13.42 41.38
C SER B 118 -15.74 12.00 41.13
N GLY B 119 -15.05 11.44 42.13
CA GLY B 119 -14.59 10.07 42.05
C GLY B 119 -15.70 9.03 42.14
N THR B 120 -16.93 9.45 42.41
CA THR B 120 -18.05 8.53 42.50
C THR B 120 -19.24 8.94 41.63
N SER B 121 -19.13 10.02 40.86
CA SER B 121 -20.25 10.50 40.05
C SER B 121 -19.72 11.03 38.73
N GLY B 122 -20.09 10.36 37.65
CA GLY B 122 -19.68 10.79 36.32
C GLY B 122 -20.31 9.89 35.29
N CYS B 123 -19.99 10.18 34.04
CA CYS B 123 -20.56 9.46 32.92
C CYS B 123 -19.97 8.07 32.72
N MET B 124 -18.76 7.81 33.21
CA MET B 124 -18.06 6.57 32.93
C MET B 124 -17.73 5.91 34.27
N MET B 125 -18.50 4.87 34.61
CA MET B 125 -18.42 4.21 35.91
C MET B 125 -17.84 2.81 35.76
N ASP B 126 -17.36 2.29 36.89
CA ASP B 126 -16.80 0.95 36.95
C ASP B 126 -17.93 -0.09 36.87
N THR B 127 -17.57 -1.37 37.07
CA THR B 127 -18.53 -2.44 36.88
C THR B 127 -19.71 -2.35 37.83
N SER B 128 -19.44 -2.02 39.10
CA SER B 128 -20.46 -1.97 40.13
C SER B 128 -21.16 -0.64 40.23
N GLY B 129 -20.69 0.38 39.51
CA GLY B 129 -21.24 1.71 39.71
C GLY B 129 -20.78 2.37 40.99
N THR B 130 -19.58 2.04 41.47
CA THR B 130 -19.04 2.64 42.69
C THR B 130 -18.17 3.85 42.39
N ASN B 131 -17.18 3.69 41.54
CA ASN B 131 -16.22 4.74 41.23
C ASN B 131 -16.30 5.14 39.76
N THR B 132 -16.01 6.40 39.48
CA THR B 132 -15.70 6.79 38.11
C THR B 132 -14.35 6.19 37.74
N VAL B 133 -14.15 5.94 36.45
CA VAL B 133 -12.92 5.35 35.99
C VAL B 133 -11.98 6.44 35.49
N THR B 134 -10.69 6.15 35.50
CA THR B 134 -9.67 7.06 34.99
C THR B 134 -8.76 6.34 34.00
N LYS B 135 -8.16 7.13 33.13
CA LYS B 135 -7.15 6.60 32.22
C LYS B 135 -5.92 6.24 33.02
N ALA B 136 -5.43 5.02 32.83
CA ALA B 136 -4.27 4.52 33.57
C ALA B 136 -3.43 3.74 32.58
N GLY B 137 -2.30 4.31 32.19
CA GLY B 137 -1.53 3.73 31.10
C GLY B 137 -2.41 3.60 29.88
N GLY B 138 -2.37 2.41 29.28
CA GLY B 138 -3.19 2.16 28.11
C GLY B 138 -4.53 1.57 28.45
N THR B 139 -5.02 1.81 29.67
CA THR B 139 -6.33 1.29 30.07
C THR B 139 -7.23 2.42 30.54
N ILE B 140 -8.51 2.10 30.64
CA ILE B 140 -9.48 2.91 31.38
C ILE B 140 -10.02 2.00 32.47
N GLY B 141 -9.75 2.34 33.72
CA GLY B 141 -10.17 1.49 34.83
C GLY B 141 -9.65 0.07 34.72
N GLY B 142 -8.51 -0.12 34.08
CA GLY B 142 -7.94 -1.43 33.91
C GLY B 142 -8.32 -2.13 32.63
N VAL B 143 -9.36 -1.65 31.94
CA VAL B 143 -9.79 -2.23 30.67
C VAL B 143 -8.85 -1.70 29.60
N PRO B 144 -8.18 -2.56 28.81
CA PRO B 144 -7.37 -2.03 27.71
C PRO B 144 -8.20 -1.12 26.81
N CYS B 145 -7.74 0.12 26.66
CA CYS B 145 -8.53 1.17 26.00
C CYS B 145 -7.36 2.14 26.02
N LYS B 146 -6.97 2.64 24.84
CA LYS B 146 -5.79 3.49 24.75
C LYS B 146 -6.43 4.78 24.28
N LEU B 147 -7.54 4.69 23.54
CA LEU B 147 -8.17 5.86 22.92
C LEU B 147 -7.16 6.61 22.05
N GLN B 148 -6.28 5.85 21.41
CA GLN B 148 -5.28 6.41 20.51
C GLN B 148 -5.09 5.42 19.39
N LEU B 149 -4.66 5.92 18.24
CA LEU B 149 -4.21 5.08 17.16
C LEU B 149 -2.72 4.81 17.39
N SER B 150 -2.35 3.54 17.59
CA SER B 150 -0.99 3.16 17.93
C SER B 150 -0.08 3.26 16.71
N PRO B 151 1.23 3.44 16.94
CA PRO B 151 2.18 3.37 15.82
C PRO B 151 2.02 2.06 15.07
N ILE B 152 2.17 2.13 13.76
CA ILE B 152 1.86 1.01 12.87
C ILE B 152 3.13 0.25 12.57
N GLN B 153 3.17 -1.00 13.02
CA GLN B 153 4.12 -2.01 12.66
C GLN B 153 3.34 -3.19 12.11
N PRO B 154 3.91 -3.99 11.21
CA PRO B 154 3.14 -5.08 10.60
C PRO B 154 2.78 -6.14 11.62
N LYS B 155 1.52 -6.57 11.60
CA LYS B 155 1.02 -7.58 12.51
C LYS B 155 -0.32 -8.06 11.98
N ARG B 156 -0.63 -9.35 12.18
CA ARG B 156 -1.94 -9.84 11.78
C ARG B 156 -2.98 -9.45 12.83
N PRO B 157 -4.08 -8.83 12.43
CA PRO B 157 -5.07 -8.41 13.43
C PRO B 157 -5.85 -9.57 14.00
N ALA B 158 -6.25 -9.42 15.26
CA ALA B 158 -7.18 -10.36 15.87
C ALA B 158 -8.57 -10.16 15.28
N ALA B 159 -9.40 -11.20 15.39
CA ALA B 159 -10.80 -11.14 14.96
C ALA B 159 -11.73 -11.58 16.07
N THR B 160 -11.34 -11.29 17.31
CA THR B 160 -12.10 -11.72 18.48
C THR B 160 -13.38 -10.90 18.62
N TYR B 161 -13.28 -9.58 18.47
CA TYR B 161 -14.40 -8.70 18.72
C TYR B 161 -15.06 -8.19 17.45
N LEU B 162 -14.37 -8.26 16.32
CA LEU B 162 -14.97 -7.98 15.02
C LEU B 162 -14.63 -9.15 14.11
N GLY B 163 -15.62 -10.01 13.87
CA GLY B 163 -15.39 -11.20 13.07
C GLY B 163 -16.28 -11.30 11.85
N LYS B 164 -16.39 -12.50 11.28
CA LYS B 164 -17.14 -12.65 10.05
C LYS B 164 -18.61 -12.29 10.23
N ALA B 165 -19.16 -12.51 11.43
CA ALA B 165 -20.58 -12.27 11.64
C ALA B 165 -20.91 -10.85 12.05
N GLY B 166 -19.97 -10.16 12.68
CA GLY B 166 -20.20 -8.81 13.18
C GLY B 166 -19.40 -8.57 14.45
N TYR B 167 -19.94 -7.71 15.30
CA TYR B 167 -19.30 -7.29 16.55
C TYR B 167 -19.87 -8.15 17.67
N VAL B 168 -19.13 -9.21 18.02
CA VAL B 168 -19.64 -10.28 18.87
C VAL B 168 -20.12 -9.77 20.23
N GLY B 169 -19.48 -8.73 20.76
CA GLY B 169 -19.84 -8.23 22.08
C GLY B 169 -20.91 -7.18 22.10
N LEU B 170 -21.38 -6.74 20.93
CA LEU B 170 -22.40 -5.71 20.84
C LEU B 170 -23.75 -6.35 20.54
N THR B 171 -24.26 -7.02 21.58
CA THR B 171 -25.48 -7.80 21.48
C THR B 171 -26.69 -6.96 21.90
N ARG B 172 -27.88 -7.50 21.62
CA ARG B 172 -29.11 -6.92 22.11
C ARG B 172 -29.05 -6.76 23.62
N GLN B 173 -29.51 -5.62 24.13
CA GLN B 173 -29.51 -5.34 25.56
C GLN B 173 -30.95 -5.37 26.07
N ALA B 174 -31.23 -6.28 27.01
CA ALA B 174 -32.59 -6.50 27.48
C ALA B 174 -33.02 -5.54 28.59
N ASP B 175 -32.08 -4.88 29.27
CA ASP B 175 -32.44 -3.98 30.39
C ASP B 175 -31.34 -2.93 30.57
N ALA B 176 -31.28 -1.99 29.62
CA ALA B 176 -30.26 -0.94 29.71
C ALA B 176 -30.37 -0.16 31.02
N ALA B 177 -31.60 0.09 31.48
CA ALA B 177 -31.77 0.92 32.68
C ALA B 177 -31.04 0.34 33.88
N ASN B 178 -30.96 -0.99 33.98
CA ASN B 178 -30.28 -1.63 35.09
C ASN B 178 -28.88 -2.12 34.76
N ASN B 179 -28.61 -2.49 33.51
CA ASN B 179 -27.33 -3.09 33.15
C ASN B 179 -26.33 -2.08 32.61
N PHE B 180 -26.80 -1.03 31.94
CA PHE B 180 -25.92 0.01 31.42
C PHE B 180 -25.84 1.23 32.32
N HIS B 181 -26.96 1.65 32.92
CA HIS B 181 -26.98 2.86 33.73
C HIS B 181 -26.80 2.53 35.19
N ASP B 182 -26.03 3.37 35.89
CA ASP B 182 -25.89 3.30 37.33
C ASP B 182 -27.18 3.75 38.02
N ASN B 183 -27.22 3.59 39.35
CA ASN B 183 -28.34 4.08 40.13
C ASN B 183 -28.20 5.55 40.54
N ASP B 184 -26.96 6.03 40.76
CA ASP B 184 -26.71 7.34 41.34
C ASP B 184 -25.87 8.26 40.48
N ALA B 185 -24.92 7.74 39.70
CA ALA B 185 -23.95 8.59 39.02
C ALA B 185 -24.64 9.56 38.07
N GLU B 186 -24.29 10.83 38.17
CA GLU B 186 -24.91 11.86 37.34
C GLU B 186 -24.17 12.01 36.03
N CYS B 187 -24.93 12.23 34.96
CA CYS B 187 -24.34 12.26 33.62
C CYS B 187 -25.32 12.88 32.64
N ARG B 188 -25.06 14.12 32.25
CA ARG B 188 -25.98 14.78 31.33
C ARG B 188 -25.94 14.19 29.93
N LEU B 189 -24.95 13.35 29.62
CA LEU B 189 -24.86 12.68 28.33
C LEU B 189 -25.75 11.46 28.22
N ALA B 190 -26.46 11.09 29.28
CA ALA B 190 -27.30 9.90 29.28
C ALA B 190 -28.71 10.15 28.78
N SER B 191 -29.12 11.41 28.59
CA SER B 191 -30.44 11.68 28.05
C SER B 191 -30.45 13.07 27.42
N GLY B 192 -31.48 13.33 26.62
CA GLY B 192 -31.70 14.63 26.01
C GLY B 192 -32.71 15.48 26.74
N HIS B 193 -33.29 15.00 27.83
CA HIS B 193 -34.21 15.79 28.62
C HIS B 193 -33.43 16.83 29.44
N ASN B 194 -34.12 17.90 29.84
CA ASN B 194 -33.39 19.03 30.41
C ASN B 194 -33.10 18.90 31.90
N THR B 195 -33.90 18.14 32.65
CA THR B 195 -33.70 18.05 34.09
C THR B 195 -32.36 17.40 34.42
N ASN B 196 -32.08 16.25 33.80
CA ASN B 196 -30.90 15.47 34.08
C ASN B 196 -29.98 15.29 32.89
N GLY B 197 -30.37 15.75 31.70
CA GLY B 197 -29.63 15.45 30.51
C GLY B 197 -29.17 16.69 29.76
N LEU B 198 -29.11 16.58 28.43
CA LEU B 198 -28.40 17.58 27.62
C LEU B 198 -29.23 18.84 27.36
N GLY B 199 -30.54 18.78 27.48
CA GLY B 199 -31.35 19.97 27.25
C GLY B 199 -31.08 21.03 28.29
N LYS B 200 -31.23 22.29 27.87
CA LYS B 200 -31.04 23.41 28.79
C LYS B 200 -32.40 23.96 29.22
N SER B 201 -33.11 24.68 28.35
CA SER B 201 -34.41 25.23 28.72
C SER B 201 -35.55 24.24 28.50
N GLY B 202 -35.32 23.21 27.69
CA GLY B 202 -36.30 22.17 27.46
C GLY B 202 -35.56 20.99 26.88
N GLN B 203 -36.30 19.93 26.57
CA GLN B 203 -35.67 18.75 26.00
C GLN B 203 -35.11 19.05 24.61
N LEU B 204 -34.10 18.27 24.22
CA LEU B 204 -33.63 18.33 22.84
C LEU B 204 -34.78 17.97 21.90
N SER B 205 -34.71 18.49 20.68
CA SER B 205 -35.86 18.31 19.79
C SER B 205 -36.01 16.89 19.28
N ALA B 206 -34.98 16.06 19.40
CA ALA B 206 -35.06 14.69 18.91
C ALA B 206 -34.06 13.83 19.67
N ALA B 207 -34.16 12.52 19.46
CA ALA B 207 -33.15 11.61 19.96
C ALA B 207 -31.80 11.95 19.35
N VAL B 208 -30.73 11.68 20.09
CA VAL B 208 -29.36 11.89 19.64
C VAL B 208 -28.67 10.54 19.59
N THR B 209 -28.03 10.22 18.47
CA THR B 209 -27.22 9.00 18.42
C THR B 209 -25.75 9.36 18.60
N MET B 210 -25.02 8.44 19.22
CA MET B 210 -23.60 8.63 19.46
C MET B 210 -22.84 7.35 19.12
N ALA B 211 -21.53 7.51 18.96
CA ALA B 211 -20.62 6.41 18.58
C ALA B 211 -21.02 5.82 17.24
N ALA B 212 -21.09 6.70 16.24
CA ALA B 212 -21.46 6.33 14.87
C ALA B 212 -22.76 5.53 14.84
N GLY B 213 -23.76 6.02 15.57
CA GLY B 213 -25.09 5.43 15.54
C GLY B 213 -25.29 4.22 16.43
N TYR B 214 -24.33 3.90 17.31
CA TYR B 214 -24.49 2.72 18.16
C TYR B 214 -25.51 2.95 19.27
N VAL B 215 -25.40 4.07 19.98
CA VAL B 215 -26.25 4.32 21.13
C VAL B 215 -27.22 5.44 20.81
N THR B 216 -28.49 5.24 21.17
CA THR B 216 -29.54 6.24 20.97
C THR B 216 -29.96 6.82 22.31
N VAL B 217 -29.81 8.13 22.44
CA VAL B 217 -30.06 8.85 23.67
C VAL B 217 -31.39 9.58 23.48
N ALA B 218 -32.44 9.11 24.17
CA ALA B 218 -33.77 9.65 23.98
C ALA B 218 -33.87 11.06 24.57
N ASN B 219 -34.84 11.84 24.05
CA ASN B 219 -35.08 13.19 24.56
C ASN B 219 -36.07 13.22 25.73
N SER B 220 -36.45 12.06 26.24
CA SER B 220 -37.31 11.94 27.41
C SER B 220 -36.53 11.27 28.53
N GLN B 221 -37.19 11.11 29.68
CA GLN B 221 -36.53 10.55 30.87
C GLN B 221 -36.61 9.03 30.81
N THR B 222 -35.75 8.45 29.99
CA THR B 222 -35.74 7.01 29.78
C THR B 222 -34.32 6.57 29.41
N ALA B 223 -34.06 5.28 29.59
CA ALA B 223 -32.72 4.76 29.38
C ALA B 223 -32.32 4.80 27.91
N VAL B 224 -31.02 4.65 27.66
CA VAL B 224 -30.55 4.59 26.28
C VAL B 224 -30.99 3.28 25.65
N THR B 225 -30.92 3.23 24.33
CA THR B 225 -31.03 1.97 23.59
C THR B 225 -29.80 1.81 22.72
N VAL B 226 -29.48 0.56 22.38
CA VAL B 226 -28.30 0.28 21.57
C VAL B 226 -28.66 -0.63 20.41
N GLN B 227 -27.87 -0.51 19.33
CA GLN B 227 -27.98 -1.40 18.20
C GLN B 227 -27.36 -2.75 18.53
N ALA B 228 -28.03 -3.82 18.13
CA ALA B 228 -27.39 -5.13 18.12
C ALA B 228 -26.55 -5.22 16.85
N LEU B 229 -25.23 -5.35 17.01
CA LEU B 229 -24.31 -5.36 15.87
C LEU B 229 -23.60 -6.70 15.70
N ASP B 230 -24.13 -7.75 16.32
CA ASP B 230 -23.46 -9.04 16.34
C ASP B 230 -23.82 -9.94 15.17
N ALA B 231 -24.83 -9.57 14.36
CA ALA B 231 -25.30 -10.40 13.25
C ALA B 231 -25.61 -9.50 12.06
N LEU B 232 -24.56 -8.91 11.49
CA LEU B 232 -24.73 -7.87 10.49
C LEU B 232 -25.06 -8.45 9.11
N GLN B 233 -25.77 -7.65 8.33
CA GLN B 233 -26.01 -7.91 6.93
C GLN B 233 -25.58 -6.67 6.15
N GLU B 234 -25.23 -6.87 4.88
CA GLU B 234 -24.81 -5.73 4.07
C GLU B 234 -25.98 -4.77 3.87
N ALA B 235 -25.71 -3.48 4.07
CA ALA B 235 -26.75 -2.47 3.96
C ALA B 235 -26.09 -1.15 3.55
N SER B 236 -26.95 -0.18 3.23
CA SER B 236 -26.52 1.16 2.85
C SER B 236 -27.45 2.18 3.50
N GLY B 237 -26.92 3.36 3.79
CA GLY B 237 -27.71 4.42 4.38
C GLY B 237 -28.16 4.18 5.80
N ALA B 238 -27.61 3.18 6.48
CA ALA B 238 -28.00 2.90 7.86
C ALA B 238 -27.51 3.99 8.79
N ALA B 239 -28.23 4.18 9.90
CA ALA B 239 -27.77 5.14 10.91
C ALA B 239 -26.46 4.71 11.54
N HIS B 240 -26.11 3.43 11.47
CA HIS B 240 -24.86 2.92 12.01
C HIS B 240 -23.94 2.44 10.91
N GLN B 241 -24.00 3.08 9.74
CA GLN B 241 -23.24 2.62 8.59
C GLN B 241 -21.74 2.43 8.83
N PRO B 242 -21.04 3.27 9.61
CA PRO B 242 -19.59 3.04 9.75
C PRO B 242 -19.26 1.69 10.35
N TRP B 243 -20.15 1.16 11.21
CA TRP B 243 -19.97 -0.17 11.76
C TRP B 243 -20.05 -1.23 10.67
N ILE B 244 -21.03 -1.11 9.78
CA ILE B 244 -21.17 -2.03 8.67
C ILE B 244 -19.96 -1.95 7.74
N ASP B 245 -19.51 -0.72 7.46
CA ASP B 245 -18.40 -0.54 6.50
C ASP B 245 -17.13 -1.20 7.00
N ALA B 246 -16.81 -1.04 8.29
CA ALA B 246 -15.58 -1.65 8.80
C ALA B 246 -15.69 -3.17 8.82
N TRP B 247 -16.88 -3.69 9.16
CA TRP B 247 -17.10 -5.12 9.18
C TRP B 247 -16.96 -5.71 7.79
N LYS B 248 -17.61 -5.09 6.79
CA LYS B 248 -17.53 -5.58 5.42
C LYS B 248 -16.10 -5.55 4.91
N ALA B 249 -15.38 -4.47 5.22
CA ALA B 249 -14.03 -4.31 4.68
C ALA B 249 -13.08 -5.35 5.28
N LYS B 250 -13.22 -5.64 6.57
CA LYS B 250 -12.34 -6.61 7.21
C LYS B 250 -12.63 -8.02 6.72
N LYS B 251 -13.91 -8.36 6.58
CA LYS B 251 -14.30 -9.69 6.13
C LYS B 251 -13.88 -9.94 4.68
N ALA B 252 -13.75 -8.88 3.89
CA ALA B 252 -13.39 -9.03 2.48
C ALA B 252 -11.93 -9.40 2.27
N LEU B 253 -11.07 -9.24 3.26
CA LEU B 253 -9.64 -9.35 3.04
C LEU B 253 -9.24 -10.79 2.75
N THR B 254 -8.48 -10.99 1.66
CA THR B 254 -7.91 -12.30 1.37
C THR B 254 -6.50 -12.45 1.92
N GLY B 255 -5.79 -11.36 2.16
CA GLY B 255 -4.37 -11.43 2.39
C GLY B 255 -3.65 -11.75 1.08
N ALA B 256 -2.32 -11.82 1.18
CA ALA B 256 -1.49 -12.14 0.01
C ALA B 256 -1.44 -13.66 -0.19
N GLU B 257 -2.63 -14.23 -0.41
CA GLU B 257 -2.84 -15.68 -0.36
C GLU B 257 -3.63 -16.21 -1.54
N THR B 258 -3.97 -15.38 -2.51
CA THR B 258 -4.59 -15.88 -3.73
C THR B 258 -3.54 -16.58 -4.59
N ALA B 259 -4.02 -17.21 -5.67
CA ALA B 259 -3.17 -18.13 -6.42
C ALA B 259 -1.90 -17.48 -6.94
N GLU B 260 -1.94 -16.17 -7.22
CA GLU B 260 -0.77 -15.49 -7.76
C GLU B 260 0.42 -15.60 -6.84
N PHE B 261 0.17 -15.68 -5.53
CA PHE B 261 1.22 -15.55 -4.53
C PHE B 261 1.66 -16.88 -3.94
N ARG B 262 1.07 -17.98 -4.39
CA ARG B 262 1.31 -19.30 -3.82
C ARG B 262 1.90 -20.20 -4.89
N ASN B 263 2.87 -21.01 -4.49
CA ASN B 263 3.43 -21.98 -5.39
C ASN B 263 2.44 -23.14 -5.59
N GLU B 264 2.62 -23.87 -6.70
CA GLU B 264 1.67 -24.89 -7.13
C GLU B 264 2.26 -26.29 -6.99
N THR B 265 1.41 -27.26 -6.68
CA THR B 265 1.81 -28.62 -6.37
C THR B 265 0.97 -29.65 -7.13
N ALA B 266 0.60 -29.37 -8.37
CA ALA B 266 -0.32 -30.22 -9.12
C ALA B 266 0.28 -30.75 -10.41
N GLY B 267 1.57 -31.07 -10.41
CA GLY B 267 2.21 -31.59 -11.60
C GLY B 267 2.65 -30.50 -12.55
N ILE B 268 3.35 -30.90 -13.61
CA ILE B 268 4.01 -29.91 -14.47
C ILE B 268 3.06 -29.37 -15.53
N ALA B 269 2.29 -30.24 -16.20
CA ALA B 269 1.46 -29.78 -17.30
C ALA B 269 0.44 -28.74 -16.87
N GLY B 270 -0.09 -28.87 -15.65
CA GLY B 270 -1.08 -27.93 -15.15
C GLY B 270 -0.53 -26.70 -14.47
N LYS B 271 0.78 -26.58 -14.38
CA LYS B 271 1.40 -25.42 -13.75
C LYS B 271 1.24 -24.19 -14.63
N THR B 272 1.01 -23.03 -13.99
CA THR B 272 0.74 -21.80 -14.72
C THR B 272 1.75 -21.57 -15.86
N GLY B 273 1.22 -21.38 -17.06
CA GLY B 273 2.01 -21.04 -18.23
C GLY B 273 2.59 -22.21 -18.98
N VAL B 274 2.67 -23.40 -18.36
CA VAL B 274 3.50 -24.47 -18.93
C VAL B 274 2.88 -25.03 -20.21
N THR B 275 1.62 -25.46 -20.15
CA THR B 275 1.03 -26.09 -21.33
C THR B 275 1.02 -25.13 -22.51
N LYS B 276 0.63 -23.87 -22.28
CA LYS B 276 0.59 -22.90 -23.37
C LYS B 276 1.98 -22.69 -23.97
N LEU B 277 3.00 -22.61 -23.12
CA LEU B 277 4.35 -22.42 -23.67
C LEU B 277 4.81 -23.63 -24.47
N VAL B 278 4.53 -24.84 -23.97
CA VAL B 278 4.86 -26.03 -24.75
C VAL B 278 4.17 -26.01 -26.10
N GLU B 279 2.88 -25.64 -26.13
CA GLU B 279 2.13 -25.59 -27.37
C GLU B 279 2.70 -24.54 -28.31
N GLU B 280 2.97 -23.34 -27.79
CA GLU B 280 3.35 -22.22 -28.65
C GLU B 280 4.80 -22.30 -29.12
N ALA B 281 5.72 -22.71 -28.23
CA ALA B 281 7.14 -22.63 -28.54
C ALA B 281 7.76 -23.96 -28.95
N LEU B 282 7.19 -25.09 -28.54
CA LEU B 282 7.80 -26.38 -28.81
C LEU B 282 6.99 -27.19 -29.84
N LEU B 283 5.71 -27.41 -29.59
CA LEU B 283 4.88 -28.08 -30.59
C LEU B 283 4.54 -27.15 -31.74
N LYS B 284 4.44 -25.84 -31.46
CA LYS B 284 4.07 -24.85 -32.46
C LYS B 284 2.71 -25.16 -33.09
N LYS B 285 1.76 -25.56 -32.26
CA LYS B 285 0.38 -25.80 -32.66
C LYS B 285 -0.53 -25.03 -31.72
N LYS B 286 -1.75 -24.76 -32.19
CA LYS B 286 -2.68 -23.94 -31.43
C LYS B 286 -3.43 -24.72 -30.36
N ASP B 287 -3.67 -26.01 -30.59
CA ASP B 287 -4.35 -26.86 -29.63
C ASP B 287 -3.65 -28.20 -29.57
N SER B 288 -3.48 -28.74 -28.37
CA SER B 288 -2.68 -29.93 -28.15
C SER B 288 -3.49 -30.97 -27.40
N GLU B 289 -3.07 -32.23 -27.55
CA GLU B 289 -3.58 -33.32 -26.74
C GLU B 289 -2.68 -33.49 -25.52
N ALA B 290 -3.28 -33.97 -24.43
CA ALA B 290 -2.54 -34.11 -23.18
C ALA B 290 -1.30 -34.97 -23.36
N SER B 291 -1.40 -36.02 -24.17
CA SER B 291 -0.26 -36.91 -24.39
C SER B 291 0.86 -36.22 -25.16
N GLU B 292 0.52 -35.30 -26.07
CA GLU B 292 1.56 -34.56 -26.78
C GLU B 292 2.34 -33.67 -25.82
N ILE B 293 1.65 -33.06 -24.85
CA ILE B 293 2.33 -32.24 -23.87
C ILE B 293 3.24 -33.09 -22.99
N GLN B 294 2.75 -34.28 -22.58
CA GLN B 294 3.55 -35.15 -21.73
C GLN B 294 4.82 -35.59 -22.43
N THR B 295 4.72 -35.89 -23.74
CA THR B 295 5.90 -36.29 -24.51
C THR B 295 6.97 -35.19 -24.50
N GLU B 296 6.57 -33.94 -24.72
CA GLU B 296 7.54 -32.84 -24.67
C GLU B 296 8.12 -32.68 -23.27
N LEU B 297 7.27 -32.73 -22.25
CA LEU B 297 7.77 -32.57 -20.89
C LEU B 297 8.75 -33.68 -20.53
N LYS B 298 8.55 -34.88 -21.08
CA LYS B 298 9.49 -35.97 -20.83
C LYS B 298 10.86 -35.64 -21.40
N LYS B 299 10.91 -34.97 -22.56
CA LYS B 299 12.18 -34.65 -23.18
C LYS B 299 13.02 -33.73 -22.31
N TYR B 300 12.36 -32.80 -21.62
CA TYR B 300 13.08 -31.72 -20.96
C TYR B 300 13.16 -31.90 -19.45
N PHE B 301 12.12 -32.48 -18.84
CA PHE B 301 12.07 -32.69 -17.40
C PHE B 301 12.26 -34.14 -16.99
N SER B 302 12.26 -35.07 -17.94
CA SER B 302 12.30 -36.51 -17.68
C SER B 302 11.03 -37.00 -16.98
N GLY B 303 9.93 -36.31 -17.17
CA GLY B 303 8.70 -36.65 -16.49
C GLY B 303 7.80 -35.43 -16.42
N HIS B 304 6.64 -35.62 -15.78
CA HIS B 304 5.65 -34.55 -15.71
C HIS B 304 5.07 -34.37 -14.31
N GLU B 305 5.70 -34.92 -13.28
CA GLU B 305 5.21 -34.80 -11.92
C GLU B 305 6.03 -33.76 -11.14
N ASN B 306 5.52 -33.43 -9.95
CA ASN B 306 6.19 -32.43 -9.11
C ASN B 306 7.65 -32.79 -8.87
N GLU B 307 7.95 -34.09 -8.74
CA GLU B 307 9.30 -34.51 -8.43
C GLU B 307 10.28 -34.13 -9.53
N GLN B 308 9.85 -34.18 -10.79
CA GLN B 308 10.72 -33.76 -11.89
C GLN B 308 10.89 -32.25 -11.94
N TRP B 309 9.85 -31.50 -11.57
CA TRP B 309 10.01 -30.05 -11.46
C TRP B 309 10.98 -29.70 -10.36
N THR B 310 10.85 -30.36 -9.21
CA THR B 310 11.78 -30.14 -8.10
C THR B 310 13.21 -30.49 -8.51
N ALA B 311 13.38 -31.55 -9.30
CA ALA B 311 14.73 -31.94 -9.73
C ALA B 311 15.38 -30.88 -10.61
N ILE B 312 14.63 -30.30 -11.54
CA ILE B 312 15.16 -29.22 -12.36
C ILE B 312 15.47 -28.00 -11.49
N GLU B 313 14.59 -27.70 -10.55
CA GLU B 313 14.84 -26.59 -9.65
C GLU B 313 16.10 -26.80 -8.82
N LYS B 314 16.41 -28.07 -8.50
CA LYS B 314 17.65 -28.36 -7.77
C LYS B 314 18.88 -28.12 -8.64
N LEU B 315 18.82 -28.53 -9.91
CA LEU B 315 19.91 -28.20 -10.84
C LEU B 315 20.11 -26.70 -10.93
N ILE B 316 19.01 -25.95 -11.02
CA ILE B 316 19.10 -24.49 -11.09
C ILE B 316 19.75 -23.94 -9.83
N SER B 317 19.27 -24.38 -8.66
CA SER B 317 19.77 -23.84 -7.39
C SER B 317 21.24 -24.19 -7.15
N GLU B 318 21.71 -25.32 -7.68
CA GLU B 318 23.08 -25.75 -7.47
C GLU B 318 24.07 -25.08 -8.42
N GLN B 319 23.60 -24.47 -9.48
CA GLN B 319 24.49 -23.94 -10.53
C GLN B 319 25.31 -22.77 -10.00
N PRO B 320 26.63 -22.83 -10.05
CA PRO B 320 27.42 -21.68 -9.60
C PRO B 320 27.51 -20.58 -10.65
N VAL B 321 27.59 -19.35 -10.17
CA VAL B 321 27.90 -18.21 -11.02
C VAL B 321 29.38 -17.87 -10.93
N ALA B 322 29.86 -17.06 -11.87
CA ALA B 322 31.26 -16.65 -11.87
C ALA B 322 31.60 -15.93 -10.57
N GLN B 323 32.75 -16.26 -9.99
CA GLN B 323 33.08 -15.71 -8.67
C GLN B 323 33.24 -14.20 -8.70
N ASN B 324 33.66 -13.63 -9.83
CA ASN B 324 33.80 -12.18 -9.91
C ASN B 324 32.45 -11.45 -9.85
N LEU B 325 31.34 -12.15 -10.07
CA LEU B 325 30.03 -11.53 -9.98
C LEU B 325 29.55 -11.38 -8.55
N VAL B 326 30.19 -12.06 -7.61
CA VAL B 326 29.90 -11.93 -6.19
C VAL B 326 31.21 -11.52 -5.49
N GLY B 327 31.12 -11.25 -4.20
CA GLY B 327 32.30 -10.86 -3.46
C GLY B 327 33.31 -11.99 -3.35
N ASP B 328 34.51 -11.63 -2.88
CA ASP B 328 35.54 -12.63 -2.64
C ASP B 328 35.08 -13.58 -1.54
N ASN B 329 35.29 -14.87 -1.77
CA ASN B 329 34.92 -15.95 -0.85
C ASN B 329 33.41 -16.02 -0.58
N GLN B 330 32.59 -15.30 -1.37
CA GLN B 330 31.15 -15.29 -1.17
C GLN B 330 30.50 -16.46 -1.89
N PRO B 331 29.28 -16.84 -1.50
CA PRO B 331 28.61 -17.97 -2.16
C PRO B 331 28.36 -17.68 -3.64
N THR B 332 28.43 -18.76 -4.43
CA THR B 332 28.25 -18.65 -5.87
C THR B 332 27.07 -19.46 -6.42
N LYS B 333 26.52 -20.40 -5.66
CA LYS B 333 25.39 -21.17 -6.17
C LYS B 333 24.17 -20.26 -6.26
N LEU B 334 23.42 -20.40 -7.37
CA LEU B 334 22.25 -19.55 -7.57
C LEU B 334 21.28 -19.63 -6.41
N GLY B 335 21.12 -20.81 -5.82
CA GLY B 335 20.23 -20.96 -4.68
C GLY B 335 20.71 -20.31 -3.41
N GLU B 336 21.97 -19.90 -3.35
CA GLU B 336 22.50 -19.14 -2.23
C GLU B 336 22.47 -17.65 -2.48
N LEU B 337 21.93 -17.21 -3.62
CA LEU B 337 21.82 -15.79 -3.96
C LEU B 337 20.34 -15.41 -3.90
N GLU B 338 20.08 -14.17 -3.48
CA GLU B 338 18.73 -13.65 -3.48
C GLU B 338 18.77 -12.14 -3.64
N GLY B 339 17.64 -11.58 -4.01
CA GLY B 339 17.55 -10.16 -4.29
C GLY B 339 17.35 -9.94 -5.78
N ASN B 340 16.24 -9.29 -6.15
CA ASN B 340 15.91 -9.16 -7.56
C ASN B 340 16.99 -8.38 -8.31
N ALA B 341 17.36 -7.20 -7.79
CA ALA B 341 18.33 -6.37 -8.49
C ALA B 341 19.67 -7.09 -8.65
N LYS B 342 20.08 -7.85 -7.62
CA LYS B 342 21.33 -8.58 -7.71
C LYS B 342 21.27 -9.65 -8.80
N LEU B 343 20.20 -10.44 -8.81
CA LEU B 343 20.12 -11.50 -9.82
C LEU B 343 19.92 -10.94 -11.21
N THR B 344 19.24 -9.79 -11.33
CA THR B 344 19.05 -9.14 -12.62
C THR B 344 20.37 -8.85 -13.30
N THR B 345 21.36 -8.33 -12.56
CA THR B 345 22.63 -8.00 -13.21
C THR B 345 23.44 -9.25 -13.55
N ILE B 346 23.25 -10.33 -12.79
CA ILE B 346 23.90 -11.58 -13.13
C ILE B 346 23.34 -12.12 -14.43
N LEU B 347 22.02 -12.03 -14.61
CA LEU B 347 21.43 -12.45 -15.88
C LEU B 347 21.97 -11.62 -17.04
N ALA B 348 22.14 -10.30 -16.82
CA ALA B 348 22.71 -9.46 -17.86
C ALA B 348 24.10 -9.94 -18.26
N TYR B 349 24.92 -10.32 -17.28
CA TYR B 349 26.26 -10.82 -17.59
C TYR B 349 26.20 -12.03 -18.52
N TYR B 350 25.34 -13.00 -18.19
CA TYR B 350 25.27 -14.22 -18.97
C TYR B 350 24.62 -13.98 -20.33
N ARG B 351 23.72 -12.99 -20.42
CA ARG B 351 23.19 -12.61 -21.72
C ARG B 351 24.28 -12.02 -22.60
N MET B 352 25.16 -11.20 -22.02
CA MET B 352 26.31 -10.69 -22.75
C MET B 352 27.20 -11.83 -23.24
N GLU B 353 27.42 -12.83 -22.39
CA GLU B 353 28.21 -13.97 -22.81
C GLU B 353 27.55 -14.71 -23.97
N THR B 354 26.23 -14.90 -23.88
CA THR B 354 25.50 -15.52 -24.98
C THR B 354 25.64 -14.70 -26.26
N ALA B 355 25.54 -13.37 -26.16
CA ALA B 355 25.75 -12.53 -27.33
C ALA B 355 27.11 -12.79 -27.96
N GLY B 356 28.13 -12.97 -27.12
CA GLY B 356 29.47 -13.24 -27.66
C GLY B 356 29.57 -14.58 -28.36
N LYS B 357 28.79 -15.57 -27.91
CA LYS B 357 28.79 -16.87 -28.58
C LYS B 357 28.14 -16.76 -29.95
N PHE B 358 26.98 -16.12 -30.01
CA PHE B 358 26.26 -16.02 -31.27
C PHE B 358 27.00 -15.15 -32.27
N GLU B 359 27.72 -14.15 -31.78
CA GLU B 359 28.50 -13.29 -32.68
C GLU B 359 29.46 -14.12 -33.53
N VAL B 360 30.05 -15.17 -32.94
CA VAL B 360 30.94 -16.03 -33.69
C VAL B 360 30.16 -17.10 -34.45
N LEU B 361 29.17 -17.71 -33.80
CA LEU B 361 28.43 -18.82 -34.41
C LEU B 361 27.73 -18.40 -35.70
N THR B 362 27.30 -17.14 -35.78
CA THR B 362 26.64 -16.64 -36.99
C THR B 362 27.64 -15.91 -37.88
N GLN C 1 9.02 16.11 0.20
CA GLN C 1 9.91 15.38 -0.71
C GLN C 1 11.02 14.64 0.06
N VAL C 2 11.80 13.85 -0.68
CA VAL C 2 12.95 13.16 -0.12
C VAL C 2 13.89 14.17 0.53
N GLN C 3 14.45 13.81 1.68
CA GLN C 3 15.40 14.67 2.36
C GLN C 3 16.62 13.87 2.78
N LEU C 4 17.80 14.40 2.46
CA LEU C 4 19.06 13.99 3.07
C LEU C 4 19.49 15.11 3.99
N GLN C 5 19.75 14.81 5.26
CA GLN C 5 20.07 15.82 6.25
C GLN C 5 21.39 15.48 6.92
N GLU C 6 22.41 16.29 6.67
CA GLU C 6 23.70 16.12 7.32
C GLU C 6 23.68 16.77 8.69
N SER C 7 24.43 16.19 9.62
CA SER C 7 24.61 16.80 10.92
C SER C 7 25.98 16.43 11.47
N GLY C 8 26.37 17.10 12.54
CA GLY C 8 27.59 16.81 13.26
C GLY C 8 28.73 17.76 13.03
N GLY C 9 28.61 18.67 12.07
CA GLY C 9 29.68 19.61 11.80
C GLY C 9 29.88 20.61 12.94
N GLY C 10 31.00 21.31 12.87
CA GLY C 10 31.29 22.35 13.83
C GLY C 10 32.74 22.75 13.76
N LEU C 11 33.16 23.51 14.77
CA LEU C 11 34.54 23.95 14.92
C LEU C 11 35.30 22.90 15.71
N VAL C 12 36.36 22.35 15.12
CA VAL C 12 37.14 21.29 15.74
C VAL C 12 38.62 21.65 15.64
N GLN C 13 39.37 21.36 16.70
CA GLN C 13 40.81 21.59 16.69
C GLN C 13 41.47 20.63 15.72
N ALA C 14 42.51 21.11 15.04
CA ALA C 14 43.27 20.29 14.12
C ALA C 14 43.85 19.09 14.85
N GLY C 15 43.97 17.98 14.13
CA GLY C 15 44.51 16.74 14.68
C GLY C 15 43.52 15.87 15.41
N GLY C 16 42.30 16.35 15.68
CA GLY C 16 41.29 15.59 16.37
C GLY C 16 40.36 14.85 15.43
N SER C 17 39.21 14.42 15.96
CA SER C 17 38.24 13.64 15.20
C SER C 17 36.86 14.30 15.26
N LEU C 18 36.00 13.89 14.32
CA LEU C 18 34.63 14.37 14.23
C LEU C 18 33.82 13.36 13.42
N ARG C 19 32.59 13.10 13.87
CA ARG C 19 31.70 12.19 13.16
C ARG C 19 30.57 13.01 12.53
N LEU C 20 30.44 12.90 11.21
CA LEU C 20 29.30 13.44 10.48
C LEU C 20 28.30 12.32 10.21
N SER C 21 27.02 12.68 10.23
CA SER C 21 25.94 11.75 9.93
C SER C 21 25.11 12.33 8.80
N CYS C 22 24.54 11.46 8.00
CA CYS C 22 23.57 11.84 6.99
C CYS C 22 22.38 10.90 7.15
N THR C 23 21.23 11.46 7.51
CA THR C 23 20.04 10.67 7.75
C THR C 23 19.03 11.02 6.68
N THR C 24 18.43 10.00 6.06
CA THR C 24 17.47 10.20 4.99
C THR C 24 16.05 10.09 5.54
N SER C 25 15.14 10.76 4.85
CA SER C 25 13.71 10.60 5.10
C SER C 25 13.00 10.53 3.76
N GLY C 26 12.02 9.64 3.67
CA GLY C 26 11.22 9.53 2.47
C GLY C 26 11.84 8.67 1.40
N LEU C 27 12.93 7.97 1.70
CA LEU C 27 13.69 7.23 0.71
C LEU C 27 13.92 5.81 1.23
N THR C 28 13.93 4.85 0.31
CA THR C 28 14.33 3.48 0.64
C THR C 28 15.85 3.46 0.70
N PHE C 29 16.38 3.73 1.90
CA PHE C 29 17.81 3.89 2.11
C PHE C 29 18.61 2.73 1.53
N SER C 30 18.11 1.50 1.71
CA SER C 30 18.84 0.33 1.24
C SER C 30 18.89 0.21 -0.28
N ASN C 31 18.11 1.00 -1.02
CA ASN C 31 18.21 1.01 -2.48
C ASN C 31 19.34 1.89 -3.01
N TYR C 32 20.00 2.66 -2.15
CA TYR C 32 20.87 3.74 -2.62
C TYR C 32 22.31 3.56 -2.16
N ALA C 33 23.24 3.88 -3.05
CA ALA C 33 24.61 4.13 -2.65
C ALA C 33 24.71 5.56 -2.14
N PHE C 34 25.70 5.82 -1.29
CA PHE C 34 25.84 7.12 -0.65
C PHE C 34 27.29 7.60 -0.74
N SER C 35 27.46 8.90 -0.95
CA SER C 35 28.79 9.50 -1.04
C SER C 35 28.86 10.80 -0.26
N TRP C 36 30.06 11.12 0.19
CA TRP C 36 30.36 12.43 0.77
C TRP C 36 31.13 13.26 -0.23
N PHE C 37 30.74 14.52 -0.38
CA PHE C 37 31.50 15.51 -1.13
C PHE C 37 31.77 16.69 -0.19
N ARG C 38 32.65 17.58 -0.61
CA ARG C 38 32.92 18.76 0.21
C ARG C 38 33.31 19.92 -0.69
N GLN C 39 33.06 21.13 -0.20
CA GLN C 39 33.41 22.34 -0.94
C GLN C 39 33.90 23.39 0.03
N ALA C 40 35.14 23.84 -0.17
CA ALA C 40 35.73 24.89 0.64
C ALA C 40 35.53 26.23 -0.03
N ARG C 45 33.88 21.96 -5.64
CA ARG C 45 33.43 20.79 -4.89
C ARG C 45 34.30 19.58 -5.21
N GLU C 46 34.59 18.76 -4.20
CA GLU C 46 35.46 17.60 -4.41
C GLU C 46 34.90 16.36 -3.73
N PHE C 47 35.19 15.21 -4.32
CA PHE C 47 34.80 13.93 -3.78
C PHE C 47 35.58 13.61 -2.51
N VAL C 48 34.89 13.04 -1.52
CA VAL C 48 35.50 12.59 -0.28
C VAL C 48 35.48 11.07 -0.16
N GLY C 49 34.33 10.46 -0.31
CA GLY C 49 34.24 9.01 -0.23
C GLY C 49 32.84 8.53 -0.57
N ALA C 50 32.76 7.23 -0.83
CA ALA C 50 31.53 6.63 -1.33
C ALA C 50 31.41 5.21 -0.80
N ILE C 51 30.17 4.77 -0.61
CA ILE C 51 29.86 3.40 -0.27
C ILE C 51 28.81 2.88 -1.25
N SER C 52 28.98 1.63 -1.70
CA SER C 52 28.07 1.02 -2.64
C SER C 52 26.71 0.78 -2.00
N TRP C 53 25.70 0.55 -2.84
CA TRP C 53 24.35 0.35 -2.33
C TRP C 53 24.27 -0.87 -1.42
N SER C 54 25.04 -1.91 -1.75
CA SER C 54 25.14 -3.13 -0.94
C SER C 54 25.99 -2.94 0.31
N GLY C 55 26.78 -1.87 0.39
CA GLY C 55 27.75 -1.72 1.46
C GLY C 55 29.05 -2.47 1.25
N GLY C 56 29.17 -3.25 0.18
CA GLY C 56 30.33 -4.10 -0.02
C GLY C 56 31.54 -3.45 -0.66
N ARG C 57 31.43 -2.20 -1.10
CA ARG C 57 32.55 -1.50 -1.71
C ARG C 57 32.58 -0.07 -1.20
N THR C 58 33.76 0.39 -0.80
CA THR C 58 33.97 1.78 -0.43
C THR C 58 35.14 2.32 -1.23
N ASP C 59 35.11 3.63 -1.49
CA ASP C 59 36.18 4.30 -2.21
C ASP C 59 36.40 5.67 -1.59
N TYR C 60 37.66 6.03 -1.39
CA TYR C 60 38.02 7.28 -0.75
C TYR C 60 38.91 8.10 -1.67
N ALA C 61 38.73 9.42 -1.64
CA ALA C 61 39.63 10.32 -2.35
C ALA C 61 41.03 10.22 -1.75
N ASP C 62 42.03 10.48 -2.60
CA ASP C 62 43.42 10.38 -2.16
C ASP C 62 43.71 11.27 -0.96
N SER C 63 43.09 12.45 -0.91
CA SER C 63 43.40 13.41 0.15
C SER C 63 42.91 12.95 1.52
N VAL C 64 41.98 12.00 1.57
CA VAL C 64 41.40 11.55 2.83
C VAL C 64 41.70 10.08 3.12
N LYS C 65 42.31 9.35 2.20
CA LYS C 65 42.55 7.92 2.41
C LYS C 65 43.49 7.70 3.57
N GLY C 66 43.13 6.78 4.46
CA GLY C 66 43.87 6.52 5.67
C GLY C 66 43.54 7.43 6.83
N ARG C 67 42.74 8.46 6.62
CA ARG C 67 42.32 9.38 7.68
C ARG C 67 40.83 9.32 7.96
N PHE C 68 40.00 9.22 6.92
CA PHE C 68 38.55 9.19 7.04
C PHE C 68 38.05 7.78 6.76
N THR C 69 36.96 7.41 7.43
CA THR C 69 36.27 6.17 7.14
C THR C 69 34.77 6.44 7.00
N ILE C 70 34.12 5.56 6.26
CA ILE C 70 32.71 5.68 5.94
C ILE C 70 31.99 4.38 6.28
N SER C 71 30.73 4.50 6.70
CA SER C 71 29.92 3.33 6.97
C SER C 71 28.45 3.69 6.82
N ARG C 72 27.62 2.66 6.73
CA ARG C 72 26.19 2.85 6.62
C ARG C 72 25.49 1.98 7.64
N ASP C 73 24.38 2.50 8.17
CA ASP C 73 23.51 1.77 9.09
C ASP C 73 22.13 1.78 8.45
N ASN C 74 21.81 0.72 7.72
CA ASN C 74 20.53 0.64 7.04
C ASN C 74 19.36 0.72 8.02
N ALA C 75 19.51 0.10 9.19
CA ALA C 75 18.42 0.10 10.17
C ALA C 75 18.09 1.48 10.67
N LYS C 76 19.03 2.43 10.58
CA LYS C 76 18.81 3.78 11.07
C LYS C 76 18.75 4.81 9.94
N ASN C 77 18.72 4.36 8.69
CA ASN C 77 18.71 5.26 7.53
C ASN C 77 19.82 6.30 7.62
N THR C 78 20.98 5.90 8.12
CA THR C 78 22.05 6.85 8.39
C THR C 78 23.36 6.41 7.75
N PHE C 79 24.05 7.40 7.17
CA PHE C 79 25.32 7.28 6.48
C PHE C 79 26.32 8.15 7.25
N TYR C 80 27.53 7.62 7.50
CA TYR C 80 28.48 8.26 8.40
C TYR C 80 29.79 8.59 7.70
N LEU C 81 30.43 9.66 8.16
CA LEU C 81 31.83 9.94 7.86
C LEU C 81 32.56 10.11 9.17
N GLN C 82 33.52 9.23 9.45
CA GLN C 82 34.38 9.36 10.63
C GLN C 82 35.66 10.05 10.19
N MET C 83 35.85 11.28 10.68
CA MET C 83 37.00 12.08 10.30
C MET C 83 38.05 11.98 11.38
N ASN C 84 39.28 11.66 10.99
CA ASN C 84 40.40 11.60 11.91
C ASN C 84 41.57 12.36 11.29
N SER C 85 42.54 12.69 12.14
CA SER C 85 43.72 13.45 11.71
C SER C 85 43.32 14.71 10.96
N LEU C 86 42.35 15.43 11.53
CA LEU C 86 41.80 16.60 10.87
C LEU C 86 42.89 17.64 10.63
N LYS C 87 42.88 18.22 9.43
CA LYS C 87 43.83 19.26 9.06
C LYS C 87 43.16 20.29 8.18
N GLU C 89 43.03 22.20 5.77
CA GLU C 89 42.80 21.67 4.44
C GLU C 89 41.49 20.89 4.36
N ASP C 90 41.00 20.48 5.53
CA ASP C 90 39.73 19.74 5.62
C ASP C 90 38.53 20.66 5.84
N THR C 91 38.77 21.94 6.15
CA THR C 91 37.67 22.90 6.33
C THR C 91 36.87 23.01 5.05
N ALA C 92 35.55 22.83 5.16
CA ALA C 92 34.65 22.87 4.01
C ALA C 92 33.23 22.60 4.49
N VAL C 93 32.27 22.86 3.60
CA VAL C 93 30.93 22.32 3.76
C VAL C 93 30.91 20.91 3.22
N TYR C 94 30.44 19.96 4.03
CA TYR C 94 30.37 18.56 3.63
C TYR C 94 28.94 18.21 3.24
N TYR C 95 28.80 17.54 2.08
CA TYR C 95 27.50 17.21 1.52
C TYR C 95 27.40 15.71 1.35
N CYS C 96 26.24 15.15 1.69
CA CYS C 96 25.99 13.76 1.35
C CYS C 96 25.11 13.71 0.10
N ALA C 97 25.26 12.63 -0.66
CA ALA C 97 24.53 12.48 -1.91
C ALA C 97 24.18 11.00 -2.09
N ALA C 98 23.06 10.75 -2.76
CA ALA C 98 22.53 9.40 -2.94
C ALA C 98 22.45 9.03 -4.42
N ASP C 99 22.81 7.79 -4.73
CA ASP C 99 22.92 7.26 -6.10
C ASP C 99 22.18 5.92 -6.16
N LEU C 100 21.09 5.88 -6.92
CA LEU C 100 20.24 4.69 -6.95
C LEU C 100 21.00 3.46 -7.43
N LEU C 101 21.04 2.42 -6.58
CA LEU C 101 21.70 1.16 -6.90
C LEU C 101 23.16 1.37 -7.33
N GLY C 102 23.81 2.36 -6.75
CA GLY C 102 25.15 2.72 -7.19
C GLY C 102 26.23 1.80 -6.67
N GLU C 103 27.37 1.85 -7.34
CA GLU C 103 28.53 1.04 -6.99
C GLU C 103 29.51 1.75 -6.07
N GLY C 104 29.22 2.97 -5.67
CA GLY C 104 30.13 3.73 -4.84
C GLY C 104 31.23 4.39 -5.66
N SER C 105 30.82 5.23 -6.61
CA SER C 105 31.77 5.87 -7.52
C SER C 105 31.57 7.38 -7.52
N ARG C 106 32.68 8.12 -7.52
CA ARG C 106 32.62 9.58 -7.62
C ARG C 106 32.09 10.05 -8.96
N ARG C 107 32.09 9.19 -9.98
CA ARG C 107 31.65 9.55 -11.32
C ARG C 107 30.16 9.34 -11.54
N SER C 108 29.45 8.76 -10.58
CA SER C 108 28.06 8.42 -10.80
C SER C 108 27.20 9.69 -10.87
N GLU C 109 25.95 9.51 -11.32
CA GLU C 109 24.95 10.55 -11.25
C GLU C 109 24.19 10.39 -9.93
N TYR C 110 24.15 11.46 -9.14
CA TYR C 110 23.51 11.41 -7.83
C TYR C 110 22.12 12.03 -7.91
N GLU C 111 21.13 11.25 -7.48
CA GLU C 111 19.73 11.68 -7.60
C GLU C 111 19.32 12.64 -6.51
N TYR C 112 19.95 12.57 -5.34
CA TYR C 112 19.58 13.39 -4.20
C TYR C 112 20.82 13.92 -3.52
N TRP C 113 20.72 15.12 -2.96
CA TRP C 113 21.81 15.81 -2.28
C TRP C 113 21.27 16.43 -1.00
N GLY C 114 22.10 16.41 0.04
CA GLY C 114 21.78 17.13 1.26
C GLY C 114 22.14 18.59 1.17
N GLN C 115 21.82 19.32 2.25
CA GLN C 115 22.06 20.76 2.31
C GLN C 115 23.45 21.13 2.80
N GLY C 116 24.20 20.19 3.37
CA GLY C 116 25.56 20.42 3.80
C GLY C 116 25.67 20.72 5.28
N THR C 117 26.84 20.40 5.85
CA THR C 117 27.19 20.76 7.21
C THR C 117 28.61 21.32 7.23
N GLN C 118 28.81 22.41 7.95
CA GLN C 118 30.09 23.10 7.95
C GLN C 118 31.05 22.44 8.92
N VAL C 119 32.26 22.14 8.44
CA VAL C 119 33.36 21.69 9.27
C VAL C 119 34.48 22.71 9.15
N THR C 120 34.95 23.22 10.28
CA THR C 120 36.03 24.20 10.32
C THR C 120 37.11 23.69 11.26
N VAL C 121 38.29 23.43 10.71
CA VAL C 121 39.38 22.83 11.48
C VAL C 121 40.36 23.90 11.96
N VAL D 2 -11.94 -15.19 -1.62
CA VAL D 2 -12.46 -14.96 -2.97
C VAL D 2 -13.75 -15.74 -3.19
N GLN D 3 -14.62 -15.21 -4.07
CA GLN D 3 -15.89 -15.85 -4.34
C GLN D 3 -16.23 -15.73 -5.82
N LEU D 4 -16.65 -16.84 -6.41
CA LEU D 4 -17.30 -16.85 -7.71
C LEU D 4 -18.78 -17.15 -7.46
N GLN D 5 -19.65 -16.29 -7.95
CA GLN D 5 -21.08 -16.37 -7.64
C GLN D 5 -21.85 -16.45 -8.95
N GLU D 6 -22.50 -17.59 -9.19
CA GLU D 6 -23.30 -17.76 -10.39
C GLU D 6 -24.67 -17.12 -10.20
N SER D 7 -25.26 -16.71 -11.32
CA SER D 7 -26.56 -16.05 -11.28
C SER D 7 -27.24 -16.23 -12.63
N GLY D 8 -28.57 -16.14 -12.62
CA GLY D 8 -29.35 -16.31 -13.83
C GLY D 8 -29.90 -17.71 -13.97
N LEU D 18 -31.66 -18.59 -21.90
CA LEU D 18 -31.20 -18.17 -20.58
C LEU D 18 -29.74 -17.73 -20.64
N ARG D 19 -29.41 -16.70 -19.87
CA ARG D 19 -28.06 -16.17 -19.78
C ARG D 19 -27.57 -16.30 -18.35
N LEU D 20 -26.54 -17.11 -18.14
CA LEU D 20 -25.91 -17.22 -16.83
C LEU D 20 -24.81 -16.18 -16.68
N SER D 21 -24.64 -15.71 -15.46
CA SER D 21 -23.57 -14.78 -15.13
C SER D 21 -22.76 -15.38 -13.98
N CYS D 22 -21.46 -15.11 -13.97
CA CYS D 22 -20.60 -15.44 -12.84
C CYS D 22 -19.81 -14.19 -12.50
N THR D 23 -20.05 -13.64 -11.32
CA THR D 23 -19.40 -12.42 -10.87
C THR D 23 -18.44 -12.77 -9.73
N THR D 24 -17.21 -12.28 -9.82
CA THR D 24 -16.20 -12.58 -8.82
C THR D 24 -16.12 -11.48 -7.78
N SER D 25 -15.65 -11.84 -6.59
CA SER D 25 -15.31 -10.90 -5.54
C SER D 25 -14.00 -11.36 -4.91
N GLY D 26 -13.14 -10.39 -4.58
CA GLY D 26 -11.87 -10.67 -3.95
C GLY D 26 -10.80 -11.19 -4.87
N LEU D 27 -11.01 -11.11 -6.18
CA LEU D 27 -10.10 -11.68 -7.17
C LEU D 27 -9.82 -10.67 -8.25
N THR D 28 -8.59 -10.71 -8.78
CA THR D 28 -8.24 -9.89 -9.94
C THR D 28 -8.75 -10.61 -11.17
N PHE D 29 -9.98 -10.26 -11.55
CA PHE D 29 -10.70 -10.93 -12.63
C PHE D 29 -9.85 -11.00 -13.90
N SER D 30 -9.15 -9.92 -14.23
CA SER D 30 -8.38 -9.87 -15.48
C SER D 30 -7.19 -10.83 -15.49
N ASN D 31 -6.80 -11.37 -14.34
CA ASN D 31 -5.69 -12.33 -14.28
C ASN D 31 -6.13 -13.74 -14.64
N TYR D 32 -7.43 -14.00 -14.77
CA TYR D 32 -7.94 -15.36 -14.78
C TYR D 32 -8.68 -15.71 -16.07
N ALA D 33 -8.42 -16.92 -16.56
CA ALA D 33 -9.33 -17.57 -17.51
C ALA D 33 -10.51 -18.13 -16.74
N PHE D 34 -11.64 -18.30 -17.44
CA PHE D 34 -12.86 -18.77 -16.81
C PHE D 34 -13.53 -19.83 -17.66
N SER D 35 -14.15 -20.81 -16.98
CA SER D 35 -14.83 -21.89 -17.67
C SER D 35 -16.16 -22.17 -16.99
N TRP D 36 -17.11 -22.68 -17.77
CA TRP D 36 -18.36 -23.19 -17.26
C TRP D 36 -18.33 -24.71 -17.30
N PHE D 37 -18.82 -25.32 -16.22
CA PHE D 37 -19.00 -26.76 -16.15
C PHE D 37 -20.42 -27.02 -15.65
N ARG D 38 -20.89 -28.25 -15.85
CA ARG D 38 -22.24 -28.58 -15.41
C ARG D 38 -22.28 -30.04 -14.94
N GLN D 39 -23.25 -30.32 -14.08
CA GLN D 39 -23.43 -31.67 -13.56
C GLN D 39 -24.91 -32.00 -13.38
N ARG D 45 -19.86 -34.70 -13.87
CA ARG D 45 -19.33 -33.36 -14.13
C ARG D 45 -18.81 -33.26 -15.56
N GLU D 46 -19.39 -32.37 -16.34
CA GLU D 46 -19.05 -32.20 -17.74
C GLU D 46 -18.60 -30.77 -18.01
N PHE D 47 -17.63 -30.63 -18.91
CA PHE D 47 -17.18 -29.31 -19.34
C PHE D 47 -18.19 -28.73 -20.32
N VAL D 48 -18.39 -27.42 -20.23
CA VAL D 48 -19.31 -26.71 -21.12
C VAL D 48 -18.54 -25.78 -22.07
N GLY D 49 -17.77 -24.85 -21.53
CA GLY D 49 -17.02 -23.92 -22.36
C GLY D 49 -16.00 -23.18 -21.53
N ALA D 50 -15.04 -22.59 -22.25
CA ALA D 50 -13.91 -21.92 -21.62
C ALA D 50 -13.55 -20.67 -22.42
N ILE D 51 -13.06 -19.65 -21.71
CA ILE D 51 -12.51 -18.45 -22.32
C ILE D 51 -11.12 -18.20 -21.73
N SER D 52 -10.19 -17.75 -22.57
CA SER D 52 -8.84 -17.48 -22.13
C SER D 52 -8.79 -16.25 -21.23
N TRP D 53 -7.67 -16.09 -20.52
CA TRP D 53 -7.50 -14.93 -19.66
C TRP D 53 -7.59 -13.62 -20.45
N SER D 54 -6.96 -13.57 -21.63
CA SER D 54 -7.03 -12.39 -22.45
C SER D 54 -8.38 -12.25 -23.15
N GLY D 55 -9.16 -13.32 -23.23
CA GLY D 55 -10.42 -13.30 -23.95
C GLY D 55 -10.29 -13.58 -25.44
N GLY D 56 -9.08 -13.81 -25.94
CA GLY D 56 -8.89 -14.04 -27.36
C GLY D 56 -9.20 -15.43 -27.84
N ARG D 57 -9.42 -16.39 -26.93
CA ARG D 57 -9.68 -17.77 -27.31
C ARG D 57 -10.88 -18.27 -26.53
N THR D 58 -11.70 -19.10 -27.20
CA THR D 58 -12.83 -19.77 -26.56
C THR D 58 -12.86 -21.21 -27.04
N ASP D 59 -13.36 -22.09 -26.18
CA ASP D 59 -13.50 -23.50 -26.52
C ASP D 59 -14.83 -24.01 -25.95
N TYR D 60 -15.54 -24.80 -26.75
CA TYR D 60 -16.86 -25.28 -26.36
C TYR D 60 -16.92 -26.79 -26.47
N ALA D 61 -17.68 -27.41 -25.56
CA ALA D 61 -17.90 -28.85 -25.60
C ALA D 61 -18.70 -29.24 -26.84
N SER D 63 -21.25 -31.02 -27.57
CA SER D 63 -22.60 -31.12 -27.03
C SER D 63 -23.32 -29.78 -27.02
N VAL D 64 -22.54 -28.70 -26.93
CA VAL D 64 -23.11 -27.35 -26.84
C VAL D 64 -22.60 -26.40 -27.92
N LYS D 65 -21.64 -26.82 -28.74
CA LYS D 65 -21.08 -25.93 -29.76
C LYS D 65 -22.17 -25.46 -30.70
N GLY D 66 -22.25 -24.15 -30.92
CA GLY D 66 -23.24 -23.56 -31.78
C GLY D 66 -24.52 -23.14 -31.08
N ARG D 67 -24.77 -23.63 -29.86
CA ARG D 67 -25.92 -23.23 -29.07
C ARG D 67 -25.59 -22.31 -27.91
N PHE D 68 -24.42 -22.48 -27.30
CA PHE D 68 -23.98 -21.65 -26.19
C PHE D 68 -22.81 -20.77 -26.62
N THR D 69 -22.73 -19.58 -26.02
CA THR D 69 -21.65 -18.63 -26.28
C THR D 69 -21.13 -18.12 -24.95
N ILE D 70 -19.81 -18.09 -24.79
CA ILE D 70 -19.17 -17.64 -23.57
C ILE D 70 -18.51 -16.28 -23.84
N SER D 71 -18.57 -15.39 -22.84
CA SER D 71 -18.00 -14.06 -22.99
C SER D 71 -17.58 -13.56 -21.61
N ARG D 72 -16.73 -12.52 -21.62
CA ARG D 72 -16.27 -11.90 -20.39
C ARG D 72 -16.34 -10.39 -20.50
N ASP D 73 -16.60 -9.74 -19.36
CA ASP D 73 -16.57 -8.28 -19.24
C ASP D 73 -15.67 -7.97 -18.05
N ASN D 74 -14.42 -7.63 -18.33
CA ASN D 74 -13.46 -7.36 -17.27
C ASN D 74 -13.90 -6.18 -16.40
N ALA D 75 -14.57 -5.19 -16.98
CA ALA D 75 -14.96 -4.01 -16.22
C ALA D 75 -16.02 -4.33 -15.17
N LYS D 76 -16.80 -5.38 -15.38
CA LYS D 76 -17.84 -5.78 -14.44
C LYS D 76 -17.48 -7.03 -13.64
N ASN D 77 -16.26 -7.54 -13.78
CA ASN D 77 -15.82 -8.74 -13.08
C ASN D 77 -16.80 -9.89 -13.31
N THR D 78 -17.33 -10.00 -14.52
CA THR D 78 -18.39 -10.95 -14.81
C THR D 78 -18.07 -11.75 -16.05
N PHE D 79 -18.28 -13.06 -15.97
CA PHE D 79 -18.19 -13.98 -17.09
C PHE D 79 -19.58 -14.54 -17.38
N TYR D 80 -19.90 -14.74 -18.64
CA TYR D 80 -21.27 -15.03 -19.03
C TYR D 80 -21.36 -16.28 -19.88
N LEU D 81 -22.49 -16.97 -19.76
CA LEU D 81 -22.85 -18.09 -20.62
C LEU D 81 -24.21 -17.76 -21.23
N GLN D 82 -24.23 -17.47 -22.53
CA GLN D 82 -25.47 -17.23 -23.24
C GLN D 82 -25.91 -18.56 -23.85
N MET D 83 -27.05 -19.08 -23.39
CA MET D 83 -27.53 -20.39 -23.78
C MET D 83 -28.77 -20.24 -24.66
N ASN D 84 -28.69 -20.80 -25.87
CA ASN D 84 -29.81 -20.79 -26.80
C ASN D 84 -30.14 -22.23 -27.21
N SER D 85 -31.42 -22.46 -27.53
CA SER D 85 -31.89 -23.76 -27.96
C SER D 85 -31.63 -24.85 -26.91
N LEU D 86 -32.06 -24.57 -25.68
CA LEU D 86 -31.79 -25.45 -24.53
C LEU D 86 -32.25 -26.90 -24.73
CA ASP D 90 -29.09 -29.46 -20.83
C ASP D 90 -29.35 -29.12 -19.36
N THR D 91 -30.35 -29.77 -18.77
CA THR D 91 -30.70 -29.51 -17.38
C THR D 91 -29.60 -30.01 -16.45
N ALA D 92 -29.23 -29.18 -15.48
CA ALA D 92 -28.17 -29.53 -14.54
C ALA D 92 -27.75 -28.29 -13.75
N VAL D 93 -26.89 -28.48 -12.76
CA VAL D 93 -26.32 -27.36 -12.01
C VAL D 93 -25.09 -26.88 -12.78
N TYR D 94 -25.05 -25.59 -13.08
CA TYR D 94 -23.94 -25.00 -13.83
C TYR D 94 -22.99 -24.29 -12.87
N TYR D 95 -21.70 -24.58 -12.99
CA TYR D 95 -20.68 -23.99 -12.13
C TYR D 95 -19.65 -23.26 -12.96
N CYS D 96 -19.19 -22.12 -12.46
CA CYS D 96 -18.07 -21.40 -13.06
C CYS D 96 -16.77 -21.72 -12.32
N ALA D 97 -15.66 -21.61 -13.02
CA ALA D 97 -14.35 -21.94 -12.46
C ALA D 97 -13.29 -21.02 -13.06
N ALA D 98 -12.28 -20.70 -12.24
CA ALA D 98 -11.23 -19.77 -12.63
C ALA D 98 -9.87 -20.46 -12.69
N ASP D 99 -9.06 -20.05 -13.68
CA ASP D 99 -7.76 -20.67 -13.97
C ASP D 99 -6.78 -19.52 -14.22
N LEU D 100 -5.78 -19.39 -13.33
CA LEU D 100 -4.86 -18.26 -13.40
C LEU D 100 -4.10 -18.24 -14.72
N LEU D 101 -4.25 -17.13 -15.45
CA LEU D 101 -3.54 -16.92 -16.72
C LEU D 101 -3.75 -18.07 -17.69
N GLY D 102 -4.93 -18.70 -17.64
CA GLY D 102 -5.17 -19.89 -18.42
C GLY D 102 -5.46 -19.59 -19.89
N GLU D 103 -5.26 -20.60 -20.73
CA GLU D 103 -5.46 -20.43 -22.15
C GLU D 103 -6.88 -20.79 -22.60
N GLY D 104 -7.77 -21.12 -21.68
CA GLY D 104 -9.12 -21.48 -22.04
C GLY D 104 -9.25 -22.95 -22.41
N SER D 105 -8.79 -23.83 -21.54
CA SER D 105 -8.75 -25.26 -21.83
C SER D 105 -9.49 -26.04 -20.76
N ARG D 106 -10.24 -27.05 -21.18
CA ARG D 106 -10.95 -27.92 -20.23
C ARG D 106 -9.99 -28.77 -19.41
N ARG D 107 -8.74 -28.91 -19.84
CA ARG D 107 -7.75 -29.73 -19.15
C ARG D 107 -6.96 -28.96 -18.10
N SER D 108 -7.27 -27.68 -17.91
CA SER D 108 -6.48 -26.84 -17.02
C SER D 108 -6.74 -27.20 -15.56
N GLU D 109 -5.86 -26.67 -14.69
CA GLU D 109 -6.07 -26.73 -13.25
C GLU D 109 -6.81 -25.47 -12.84
N TYR D 110 -7.97 -25.64 -12.24
CA TYR D 110 -8.82 -24.51 -11.85
C TYR D 110 -8.61 -24.22 -10.36
N GLU D 111 -8.22 -22.98 -10.04
CA GLU D 111 -7.93 -22.60 -8.67
C GLU D 111 -9.17 -22.22 -7.88
N TYR D 112 -10.25 -21.82 -8.53
CA TYR D 112 -11.43 -21.35 -7.82
C TYR D 112 -12.68 -21.84 -8.54
N TRP D 113 -13.72 -22.13 -7.77
CA TRP D 113 -14.98 -22.59 -8.33
C TRP D 113 -16.13 -21.94 -7.59
N GLY D 114 -17.25 -21.78 -8.28
CA GLY D 114 -18.47 -21.29 -7.66
C GLY D 114 -19.26 -22.39 -7.00
N GLN D 115 -20.42 -22.01 -6.45
CA GLN D 115 -21.30 -22.95 -5.77
C GLN D 115 -22.33 -23.59 -6.69
N GLY D 116 -22.57 -23.02 -7.86
CA GLY D 116 -23.46 -23.63 -8.83
C GLY D 116 -24.80 -22.94 -8.89
N THR D 117 -25.45 -23.05 -10.05
CA THR D 117 -26.79 -22.53 -10.28
C THR D 117 -27.58 -23.56 -11.07
N GLN D 118 -28.85 -23.72 -10.74
CA GLN D 118 -29.70 -24.75 -11.35
C GLN D 118 -30.27 -24.31 -12.69
C1 NAG E . 10.59 5.08 -19.45
C2 NAG E . 9.14 4.68 -19.32
C3 NAG E . 8.81 3.52 -20.26
C4 NAG E . 9.20 3.88 -21.69
C5 NAG E . 10.69 4.23 -21.72
C6 NAG E . 11.21 4.64 -23.09
C7 NAG E . 7.91 4.92 -17.21
C8 NAG E . 7.75 4.43 -15.80
N2 NAG E . 8.85 4.31 -17.94
O3 NAG E . 7.42 3.21 -20.20
O4 NAG E . 8.94 2.78 -22.56
O5 NAG E . 10.91 5.34 -20.84
O6 NAG E . 10.47 5.71 -23.64
O7 NAG E . 7.21 5.82 -17.67
H1 NAG E . 11.15 4.34 -19.15
H2 NAG E . 8.58 5.45 -19.57
H3 NAG E . 9.31 2.73 -19.98
H4 NAG E . 8.70 4.67 -21.95
H5 NAG E . 11.20 3.46 -21.40
H61 NAG E . 12.15 4.91 -22.99
H62 NAG E . 11.16 3.87 -23.68
H81 NAG E . 6.98 4.86 -15.39
H82 NAG E . 8.56 4.64 -15.28
H83 NAG E . 7.62 3.46 -15.80
HN2 NAG E . 9.34 3.66 -17.55
HO3 NAG E . 7.31 2.34 -20.19
HO4 NAG E . 9.28 2.06 -22.18
HO6 NAG E . 10.86 5.98 -24.40
C1 NAG E . 8.27 3.09 -23.73
C2 NAG E . 8.49 2.09 -24.84
C3 NAG E . 7.77 2.55 -26.12
C4 NAG E . 6.31 2.94 -25.84
C5 NAG E . 6.13 3.74 -24.56
C6 NAG E . 4.69 3.73 -24.09
C7 NAG E . 10.58 0.77 -24.84
C8 NAG E . 12.03 0.77 -25.19
N2 NAG E . 9.91 1.90 -25.12
O3 NAG E . 7.81 1.47 -27.03
O4 NAG E . 5.83 3.76 -26.91
O5 NAG E . 6.90 3.20 -23.47
O6 NAG E . 4.48 4.59 -22.97
O7 NAG E . 10.04 -0.18 -24.30
H1 NAG E . 8.51 3.94 -24.14
H2 NAG E . 8.10 1.24 -24.57
H3 NAG E . 8.24 3.32 -26.49
H4 NAG E . 5.78 2.12 -25.79
H5 NAG E . 6.41 4.66 -24.71
H61 NAG E . 4.44 2.82 -23.85
H62 NAG E . 4.13 4.03 -24.83
H81 NAG E . 12.43 -0.09 -24.94
H82 NAG E . 12.13 0.91 -26.16
H83 NAG E . 12.49 1.49 -24.72
HN2 NAG E . 10.36 2.59 -25.52
HO3 NAG E . 7.93 1.78 -27.85
HO4 NAG E . 5.96 4.60 -26.63
HO6 NAG E . 3.62 4.61 -22.78
C1 BMA E . 5.32 3.33 -28.12
C2 BMA E . 3.85 3.46 -27.77
C3 BMA E . 3.02 3.06 -28.97
C4 BMA E . 3.38 3.87 -30.21
C5 BMA E . 4.91 3.95 -30.45
C6 BMA E . 5.24 5.11 -31.33
O2 BMA E . 3.53 4.82 -27.50
O3 BMA E . 1.61 3.21 -28.69
O4 BMA E . 2.74 3.27 -31.34
O5 BMA E . 5.67 4.14 -29.21
O6 BMA E . 6.39 4.79 -32.08
H1 BMA E . 5.52 2.27 -28.41
H2 BMA E . 3.62 2.82 -26.90
H3 BMA E . 3.18 1.99 -29.19
H4 BMA E . 3.01 4.89 -30.05
H5 BMA E . 5.25 3.03 -30.96
H61 BMA E . 5.40 6.00 -30.69
H62 BMA E . 4.37 5.31 -31.97
HO2 BMA E . 3.04 4.82 -26.65
HO3 BMA E . 1.27 2.30 -28.56
HO4 BMA E . 2.00 3.86 -31.57
C1 NAG F . 8.21 -21.06 -4.90
C2 NAG F . 8.79 -19.98 -4.00
C3 NAG F . 10.23 -19.64 -4.43
C4 NAG F . 11.08 -20.91 -4.47
C5 NAG F . 10.42 -21.92 -5.41
C6 NAG F . 11.16 -23.24 -5.48
C7 NAG F . 7.39 -18.25 -2.96
C8 NAG F . 6.53 -17.05 -3.21
N2 NAG F . 7.95 -18.80 -4.05
O3 NAG F . 10.80 -18.70 -3.52
O4 NAG F . 12.41 -20.62 -4.91
O5 NAG F . 9.11 -22.20 -4.93
O6 NAG F . 11.29 -23.81 -4.19
O7 NAG F . 7.58 -18.71 -1.85
H1 NAG F . 8.13 -20.71 -5.81
H2 NAG F . 8.82 -20.32 -3.08
H3 NAG F . 10.20 -19.25 -5.31
H4 NAG F . 11.09 -21.29 -3.57
H5 NAG F . 10.37 -21.53 -6.30
H61 NAG F . 10.67 -23.85 -6.05
H62 NAG F . 12.05 -23.09 -5.85
H81 NAG F . 5.72 -17.32 -3.68
H82 NAG F . 7.03 -16.40 -3.75
H83 NAG F . 6.29 -16.64 -2.35
HN2 NAG F . 7.77 -18.43 -4.86
HO3 NAG F . 11.25 -18.09 -3.98
HO4 NAG F . 12.32 -20.16 -5.68
HO6 NAG F . 11.57 -24.65 -4.26
C1 NAG F . 13.45 -21.08 -4.15
C2 NAG F . 14.74 -21.19 -4.94
C3 NAG F . 15.87 -21.65 -4.04
C4 NAG F . 16.02 -20.69 -2.87
C5 NAG F . 14.68 -20.44 -2.16
C6 NAG F . 14.75 -19.27 -1.22
C7 NAG F . 14.68 -21.63 -7.34
C8 NAG F . 14.51 -22.65 -8.42
N2 NAG F . 14.59 -22.08 -6.08
O3 NAG F . 17.09 -21.67 -4.78
O4 NAG F . 16.97 -21.20 -1.94
O5 NAG F . 13.63 -20.15 -3.10
O6 NAG F . 13.58 -19.15 -0.42
O7 NAG F . 14.91 -20.45 -7.59
H1 NAG F . 13.36 -21.96 -3.71
H2 NAG F . 14.97 -20.29 -5.27
H3 NAG F . 15.68 -22.55 -3.71
H4 NAG F . 16.35 -19.83 -3.21
H5 NAG F . 14.42 -21.24 -1.66
H61 NAG F . 14.86 -18.45 -1.74
H62 NAG F . 15.53 -19.37 -0.64
H81 NAG F . 13.62 -23.06 -8.35
H82 NAG F . 14.60 -22.22 -9.29
H83 NAG F . 15.19 -23.34 -8.34
HN2 NAG F . 14.42 -22.96 -5.94
HO3 NAG F . 17.55 -22.39 -4.56
HO4 NAG F . 17.67 -20.65 -1.99
HO6 NAG F . 13.67 -18.46 0.15
C1 BMA F . 16.69 -22.32 -1.20
C2 BMA F . 18.04 -23.01 -1.03
C3 BMA F . 17.92 -24.15 0.00
C4 BMA F . 17.26 -23.66 1.30
C5 BMA F . 15.94 -22.95 0.98
C6 BMA F . 15.26 -22.38 2.23
O2 BMA F . 19.00 -22.09 -0.50
O3 BMA F . 19.20 -24.74 0.29
O4 BMA F . 17.00 -24.76 2.17
O5 BMA F . 16.20 -21.87 0.07
O6 BMA F . 16.09 -21.34 2.77
H1 BMA F . 15.95 -23.08 -1.58
H2 BMA F . 18.37 -23.41 -2.01
H3 BMA F . 17.24 -24.92 -0.41
H4 BMA F . 17.93 -22.92 1.77
H5 BMA F . 15.24 -23.66 0.52
H61 BMA F . 14.27 -22.00 1.94
H62 BMA F . 15.13 -23.21 2.93
HO2 BMA F . 19.67 -21.98 -1.20
HO3 BMA F . 19.67 -24.05 0.84
HO4 BMA F . 17.51 -24.58 2.98
C1 MAN F . 19.32 -25.98 -0.27
C2 MAN F . 20.44 -26.66 0.57
C3 MAN F . 21.75 -25.90 0.40
C4 MAN F . 22.10 -25.73 -1.07
C5 MAN F . 20.96 -25.02 -1.81
C6 MAN F . 21.19 -24.95 -3.30
O2 MAN F . 20.68 -28.01 0.12
O3 MAN F . 22.84 -26.52 1.10
O4 MAN F . 23.24 -24.90 -1.16
O5 MAN F . 19.71 -25.73 -1.60
O6 MAN F . 20.76 -26.19 -3.89
H1 MAN F . 18.49 -26.72 -0.39
H2 MAN F . 20.13 -26.66 1.62
H3 MAN F . 21.63 -24.90 0.84
H4 MAN F . 22.28 -26.71 -1.52
H5 MAN F . 20.85 -23.99 -1.43
H61 MAN F . 20.63 -24.09 -3.71
H62 MAN F . 22.26 -24.77 -3.47
HO2 MAN F . 20.24 -28.63 0.71
HO3 MAN F . 22.96 -26.00 1.91
HO4 MAN F . 23.96 -25.50 -1.45
C1 CIT G . 12.76 -11.73 -16.40
O1 CIT G . 12.30 -12.40 -15.43
O2 CIT G . 13.56 -12.32 -17.22
C2 CIT G . 12.33 -10.27 -16.58
C3 CIT G . 13.32 -9.26 -17.17
O7 CIT G . 12.85 -7.90 -16.99
C4 CIT G . 14.64 -9.43 -16.42
C5 CIT G . 15.86 -8.73 -16.97
O3 CIT G . 16.91 -8.82 -16.29
O4 CIT G . 15.94 -8.01 -18.02
C6 CIT G . 13.51 -9.47 -18.68
O5 CIT G . 14.00 -10.51 -19.19
O6 CIT G . 13.18 -8.55 -19.47
H21 CIT G . 11.43 -10.27 -17.20
H22 CIT G . 12.01 -9.89 -15.60
HO7 CIT G . 12.77 -7.46 -17.85
H41 CIT G . 14.90 -10.49 -16.38
H42 CIT G . 14.49 -9.11 -15.40
NA NA H . 22.51 7.47 -10.18
NA NA I . -4.52 -23.01 -13.25
#